data_4EOZ
#
_entry.id   4EOZ
#
_cell.length_a   213.166
_cell.length_b   76.944
_cell.length_c   85.834
_cell.angle_alpha   90.00
_cell.angle_beta   108.34
_cell.angle_gamma   90.00
#
_symmetry.space_group_name_H-M   'C 1 2 1'
#
loop_
_entity.id
_entity.type
_entity.pdbx_description
1 polymer 'Speckle-type POZ protein'
2 polymer Cullin-3
3 water water
#
loop_
_entity_poly.entity_id
_entity_poly.type
_entity_poly.pdbx_seq_one_letter_code
_entity_poly.pdbx_strand_id
1 'polypeptide(L)'
;GSNMVKVPECRLADELGGLWENSRFTDCCLCVAGQEFQAHKAILAARSPVFSAMFEHEMEESKKNRVEINDVEPEVFKEM
MCFIYTGKAPNLDKMADDLLAAADKYALERLKVMCEDALCSNLSVENAAEILILADLHSADQLKT
;
A,C
2 'polypeptide(L)'
;GSAFP(MSE)T(MSE)DEKYVNSIWDLLKNAIQEIQRKNNSGLSFEELYRNAYT(MSE)VLHKHGEKLYTGLREVVTEHL
INKVREDVLNSLNNNFLQTLNQAWNDHQTA(MSE)V(MSE)IRDIL(MSE)Y(MSE)DRVYVQQNNVENVYNLGLIIFRD
QVVRYGCIRDHLRQTLLD(MSE)IARERKGEVVDRGAIRNACQ(MSE)L(MSE)ILGLEGRSVYEEDFEAPFLE(MSE)S
AEFFQ(MSE)ESQKFLAENSASVYIKKVEARINEEIERV(MSE)HCLDKSTEEPIVKVVERELISKH(MSE)KTIVE
(MSE)ENSGLVH(MSE)LKNGKTEDLGC(MSE)YKLFSRVPNGLKT(MSE)CEC(MSE)SSYLREQGKALVSEEGEGKNP
VDYRQGLDDLKSRFDRFLLESFNNDRLFKQTIAGDFEYFLNLN
;
B,D
#
# COMPACT_ATOMS: atom_id res chain seq x y z
N VAL A 5 -7.37 7.36 33.61
CA VAL A 5 -7.22 6.05 32.98
C VAL A 5 -5.97 5.95 32.08
N LYS A 6 -5.43 4.75 31.98
CA LYS A 6 -4.20 4.55 31.25
C LYS A 6 -4.35 4.27 29.77
N VAL A 7 -3.80 5.18 28.97
CA VAL A 7 -3.71 5.04 27.51
C VAL A 7 -2.53 4.16 27.10
N PRO A 8 -2.80 3.05 26.39
CA PRO A 8 -1.66 2.20 26.01
C PRO A 8 -0.70 2.97 25.08
N GLU A 9 0.56 2.56 25.02
CA GLU A 9 1.53 3.19 24.13
C GLU A 9 1.17 2.93 22.67
N CYS A 10 1.54 3.87 21.79
CA CYS A 10 1.31 3.76 20.34
C CYS A 10 1.83 2.49 19.69
N ARG A 11 1.02 1.85 18.83
CA ARG A 11 1.38 0.56 18.26
C ARG A 11 1.46 0.51 16.71
N LEU A 12 1.54 1.68 16.08
CA LEU A 12 1.57 1.83 14.62
C LEU A 12 2.77 1.14 13.94
N ALA A 13 3.96 1.31 14.49
CA ALA A 13 5.15 0.67 13.94
C ALA A 13 5.06 -0.85 13.99
N ASP A 14 4.56 -1.40 15.10
CA ASP A 14 4.37 -2.85 15.20
C ASP A 14 3.26 -3.45 14.28
N GLU A 15 2.13 -2.76 14.14
CA GLU A 15 1.03 -3.22 13.29
C GLU A 15 1.43 -3.18 11.86
N LEU A 16 2.09 -2.10 11.45
CA LEU A 16 2.62 -1.98 10.09
C LEU A 16 3.72 -3.01 9.82
N GLY A 17 4.63 -3.17 10.76
CA GLY A 17 5.60 -4.24 10.71
C GLY A 17 5.00 -5.57 10.27
N GLY A 18 3.87 -5.94 10.88
CA GLY A 18 3.09 -7.09 10.46
C GLY A 18 2.79 -7.23 8.96
N LEU A 19 2.68 -6.14 8.21
CA LEU A 19 2.43 -6.28 6.76
C LEU A 19 3.71 -6.72 6.05
N TRP A 20 4.79 -6.06 6.40
CA TRP A 20 6.08 -6.47 5.90
C TRP A 20 6.38 -7.92 6.29
N GLU A 21 6.41 -8.22 7.59
CA GLU A 21 6.92 -9.51 8.09
C GLU A 21 6.02 -10.71 7.80
N ASN A 22 4.78 -10.48 7.42
CA ASN A 22 3.89 -11.59 7.13
C ASN A 22 3.34 -11.52 5.69
N SER A 23 3.82 -10.55 4.91
CA SER A 23 3.41 -10.41 3.50
C SER A 23 1.90 -10.38 3.26
N ARG A 24 1.20 -9.55 4.04
CA ARG A 24 -0.26 -9.49 4.02
C ARG A 24 -0.68 -8.33 3.13
N PHE A 25 -1.56 -8.62 2.18
CA PHE A 25 -2.06 -7.66 1.20
C PHE A 25 -1.04 -6.94 0.30
N THR A 26 0.03 -7.62 -0.08
CA THR A 26 1.09 -7.02 -0.91
C THR A 26 0.69 -6.73 -2.34
N ASP A 27 1.21 -5.63 -2.90
CA ASP A 27 0.91 -5.25 -4.28
C ASP A 27 2.10 -5.15 -5.26
N CYS A 28 3.33 -5.31 -4.77
CA CYS A 28 4.51 -5.19 -5.63
C CYS A 28 5.62 -6.16 -5.23
N CYS A 29 6.57 -6.41 -6.12
CA CYS A 29 7.60 -7.36 -5.81
C CYS A 29 8.93 -6.71 -6.06
N LEU A 30 9.86 -6.99 -5.15
CA LEU A 30 11.21 -6.50 -5.28
C LEU A 30 12.09 -7.73 -5.33
N CYS A 31 12.85 -7.85 -6.41
CA CYS A 31 13.79 -8.95 -6.57
C CYS A 31 15.15 -8.43 -6.20
N VAL A 32 15.70 -8.88 -5.07
CA VAL A 32 17.03 -8.49 -4.68
C VAL A 32 17.93 -9.71 -4.62
N ALA A 33 18.99 -9.71 -5.42
CA ALA A 33 19.95 -10.81 -5.42
C ALA A 33 19.24 -12.13 -5.69
N GLY A 34 18.23 -12.10 -6.55
CA GLY A 34 17.50 -13.31 -6.87
C GLY A 34 16.53 -13.77 -5.79
N GLN A 35 16.25 -12.90 -4.82
CA GLN A 35 15.32 -13.24 -3.73
C GLN A 35 14.10 -12.34 -3.83
N GLU A 36 12.93 -12.92 -3.92
CA GLU A 36 11.74 -12.10 -4.09
C GLU A 36 11.15 -11.66 -2.76
N PHE A 37 10.80 -10.39 -2.64
CA PHE A 37 10.19 -9.87 -1.41
C PHE A 37 8.95 -9.17 -1.84
N GLN A 38 7.92 -9.24 -1.01
CA GLN A 38 6.66 -8.58 -1.32
C GLN A 38 6.54 -7.32 -0.49
N ALA A 39 5.99 -6.28 -1.09
CA ALA A 39 5.91 -4.99 -0.44
C ALA A 39 4.62 -4.31 -0.84
N HIS A 40 4.46 -3.07 -0.40
CA HIS A 40 3.27 -2.26 -0.59
C HIS A 40 3.68 -0.93 -1.24
N LYS A 41 3.14 -0.58 -2.40
CA LYS A 41 3.63 0.58 -3.14
C LYS A 41 3.46 1.86 -2.35
N ALA A 42 2.32 2.00 -1.71
CA ALA A 42 2.02 3.21 -0.97
C ALA A 42 2.98 3.45 0.18
N ILE A 43 3.50 2.38 0.76
CA ILE A 43 4.27 2.51 1.99
C ILE A 43 5.68 2.86 1.60
N LEU A 44 6.16 2.25 0.53
CA LEU A 44 7.49 2.56 0.08
C LEU A 44 7.49 4.00 -0.44
N ALA A 45 6.48 4.36 -1.20
CA ALA A 45 6.41 5.69 -1.80
C ALA A 45 6.35 6.79 -0.74
N ALA A 46 5.59 6.57 0.31
CA ALA A 46 5.47 7.54 1.39
C ALA A 46 6.80 7.79 2.11
N ARG A 47 7.55 6.72 2.32
CA ARG A 47 8.82 6.79 3.04
C ARG A 47 10.08 7.10 2.24
N SER A 48 9.98 7.14 0.91
CA SER A 48 11.18 7.37 0.08
C SER A 48 10.74 8.11 -1.16
N PRO A 49 11.32 9.29 -1.44
CA PRO A 49 10.90 9.94 -2.68
C PRO A 49 11.43 9.20 -3.88
N VAL A 50 12.44 8.36 -3.67
CA VAL A 50 12.98 7.57 -4.74
C VAL A 50 11.93 6.52 -5.13
N PHE A 51 11.48 5.72 -4.16
CA PHE A 51 10.42 4.76 -4.43
C PHE A 51 9.15 5.45 -4.92
N SER A 52 8.92 6.67 -4.44
CA SER A 52 7.69 7.32 -4.80
C SER A 52 7.70 7.66 -6.29
N ALA A 53 8.80 8.24 -6.75
CA ALA A 53 8.94 8.58 -8.16
C ALA A 53 8.82 7.33 -9.02
N MET A 54 9.54 6.30 -8.59
CA MET A 54 9.67 5.03 -9.28
C MET A 54 8.29 4.45 -9.63
N PHE A 55 7.32 4.60 -8.73
CA PHE A 55 5.98 4.06 -8.95
C PHE A 55 5.02 5.14 -9.41
N GLU A 56 5.50 6.37 -9.53
CA GLU A 56 4.63 7.43 -10.08
C GLU A 56 4.62 7.45 -11.62
N HIS A 57 5.75 7.10 -12.25
CA HIS A 57 5.89 7.20 -13.69
C HIS A 57 5.52 5.96 -14.53
N GLU A 58 5.21 6.20 -15.80
CA GLU A 58 4.87 5.11 -16.69
C GLU A 58 6.16 4.47 -17.18
N MET A 59 6.85 3.83 -16.25
CA MET A 59 8.08 3.08 -16.47
C MET A 59 7.93 1.61 -16.05
N GLU A 60 8.83 0.75 -16.50
CA GLU A 60 8.71 -0.69 -16.32
C GLU A 60 8.22 -1.12 -14.92
N GLU A 61 8.81 -0.61 -13.85
CA GLU A 61 8.36 -0.98 -12.49
C GLU A 61 6.88 -0.75 -12.26
N SER A 62 6.40 0.39 -12.71
CA SER A 62 4.98 0.74 -12.57
C SER A 62 4.12 -0.25 -13.37
N LYS A 63 4.61 -0.63 -14.55
CA LYS A 63 3.89 -1.47 -15.48
C LYS A 63 3.82 -2.92 -15.01
N LYS A 64 4.90 -3.38 -14.39
CA LYS A 64 5.02 -4.80 -14.03
C LYS A 64 4.83 -5.03 -12.53
N ASN A 65 4.73 -3.96 -11.76
CA ASN A 65 4.63 -4.08 -10.32
C ASN A 65 5.83 -4.80 -9.71
N ARG A 66 7.00 -4.56 -10.28
CA ARG A 66 8.18 -5.34 -9.94
C ARG A 66 9.43 -4.48 -10.16
N VAL A 67 10.38 -4.58 -9.23
CA VAL A 67 11.57 -3.77 -9.21
C VAL A 67 12.78 -4.70 -9.15
N GLU A 68 13.77 -4.50 -10.01
CA GLU A 68 14.98 -5.32 -10.00
C GLU A 68 16.14 -4.49 -9.46
N ILE A 69 16.59 -4.85 -8.27
CA ILE A 69 17.70 -4.20 -7.60
C ILE A 69 18.83 -5.19 -7.43
N ASN A 70 19.99 -4.89 -8.00
CA ASN A 70 21.15 -5.75 -7.89
C ASN A 70 22.27 -5.11 -7.08
N ASP A 71 21.97 -3.96 -6.50
CA ASP A 71 22.97 -3.18 -5.78
C ASP A 71 22.95 -3.20 -4.25
N VAL A 72 22.15 -4.05 -3.64
CA VAL A 72 22.05 -4.01 -2.19
C VAL A 72 22.04 -5.44 -1.71
N GLU A 73 22.85 -5.76 -0.71
CA GLU A 73 22.83 -7.09 -0.09
C GLU A 73 21.43 -7.34 0.45
N PRO A 74 20.90 -8.55 0.28
CA PRO A 74 19.51 -8.80 0.70
C PRO A 74 19.23 -8.61 2.23
N GLU A 75 20.14 -9.02 3.12
CA GLU A 75 19.99 -8.71 4.56
C GLU A 75 19.97 -7.20 4.89
N VAL A 76 20.71 -6.43 4.11
CA VAL A 76 20.67 -4.98 4.20
C VAL A 76 19.35 -4.47 3.66
N PHE A 77 18.91 -5.02 2.54
CA PHE A 77 17.61 -4.66 2.00
C PHE A 77 16.47 -4.94 3.02
N LYS A 78 16.51 -6.12 3.61
CA LYS A 78 15.50 -6.58 4.58
C LYS A 78 15.41 -5.66 5.81
N GLU A 79 16.58 -5.20 6.28
CA GLU A 79 16.65 -4.12 7.27
C GLU A 79 16.20 -2.72 6.79
N MET A 80 16.49 -2.33 5.55
CA MET A 80 15.95 -1.07 5.03
C MET A 80 14.42 -1.12 5.01
N MET A 81 13.89 -2.21 4.44
CA MET A 81 12.46 -2.46 4.45
C MET A 81 11.92 -2.38 5.88
N CYS A 82 12.69 -2.86 6.87
CA CYS A 82 12.25 -2.90 8.26
C CYS A 82 12.07 -1.49 8.81
N PHE A 83 13.05 -0.64 8.56
CA PHE A 83 12.90 0.78 8.86
C PHE A 83 11.73 1.43 8.05
N ILE A 84 11.55 1.08 6.81
CA ILE A 84 10.52 1.77 6.00
C ILE A 84 9.12 1.58 6.61
N TYR A 85 8.83 0.34 6.97
CA TYR A 85 7.64 -0.06 7.68
C TYR A 85 7.47 0.33 9.17
N THR A 86 8.57 0.36 9.95
CA THR A 86 8.43 0.46 11.38
C THR A 86 9.23 1.63 11.97
N GLY A 87 10.16 2.17 11.21
CA GLY A 87 11.03 3.21 11.72
C GLY A 87 12.10 2.69 12.67
N LYS A 88 12.33 1.39 12.63
CA LYS A 88 13.31 0.75 13.52
C LYS A 88 14.36 -0.05 12.74
N ALA A 89 15.60 0.02 13.22
CA ALA A 89 16.70 -0.71 12.60
C ALA A 89 17.45 -1.48 13.66
N PRO A 90 16.89 -2.63 14.05
CA PRO A 90 17.46 -3.45 15.13
C PRO A 90 18.86 -3.97 14.84
N ASN A 91 19.15 -4.39 13.61
CA ASN A 91 20.47 -4.94 13.28
C ASN A 91 21.40 -3.91 12.67
N LEU A 92 21.14 -2.63 12.91
CA LEU A 92 21.93 -1.58 12.29
C LEU A 92 23.44 -1.72 12.59
N ASP A 93 23.78 -1.98 13.86
CA ASP A 93 25.17 -1.88 14.30
C ASP A 93 26.11 -2.93 13.73
N LYS A 94 25.59 -3.99 13.13
CA LYS A 94 26.46 -4.98 12.51
C LYS A 94 26.49 -4.81 10.99
N MET A 95 25.72 -3.86 10.48
CA MET A 95 25.72 -3.57 9.04
C MET A 95 25.79 -2.08 8.74
N ALA A 96 26.20 -1.28 9.72
CA ALA A 96 26.07 0.16 9.60
C ALA A 96 26.64 0.82 8.31
N ASP A 97 27.76 0.33 7.81
CA ASP A 97 28.38 0.88 6.60
C ASP A 97 27.56 0.72 5.32
N ASP A 98 27.00 -0.46 5.15
CA ASP A 98 26.21 -0.82 4.00
C ASP A 98 24.78 -0.29 4.13
N LEU A 99 24.23 -0.30 5.33
CA LEU A 99 22.87 0.18 5.52
C LEU A 99 22.86 1.70 5.20
N LEU A 100 23.98 2.34 5.50
CA LEU A 100 24.21 3.77 5.20
C LEU A 100 24.13 4.06 3.71
N ALA A 101 24.96 3.38 2.92
CA ALA A 101 24.92 3.49 1.48
C ALA A 101 23.49 3.38 0.97
N ALA A 102 22.79 2.33 1.38
CA ALA A 102 21.42 2.07 0.92
C ALA A 102 20.46 3.19 1.28
N ALA A 103 20.58 3.69 2.51
CA ALA A 103 19.67 4.72 2.99
C ALA A 103 19.89 6.06 2.27
N ASP A 104 21.15 6.33 1.92
CA ASP A 104 21.51 7.53 1.18
C ASP A 104 21.03 7.41 -0.28
N LYS A 105 21.11 6.22 -0.85
CA LYS A 105 20.56 5.98 -2.18
C LYS A 105 19.04 6.14 -2.25
N TYR A 106 18.31 5.74 -1.22
CA TYR A 106 16.84 5.77 -1.31
C TYR A 106 16.24 6.92 -0.56
N ALA A 107 17.10 7.86 -0.17
CA ALA A 107 16.71 9.13 0.44
C ALA A 107 15.94 9.00 1.77
N LEU A 108 16.43 8.06 2.59
CA LEU A 108 15.90 7.78 3.91
C LEU A 108 16.75 8.52 4.96
N GLU A 109 16.43 9.80 5.15
CA GLU A 109 17.25 10.69 5.99
C GLU A 109 17.46 10.24 7.44
N ARG A 110 16.40 9.94 8.17
CA ARG A 110 16.56 9.57 9.58
C ARG A 110 17.38 8.30 9.73
N LEU A 111 17.24 7.38 8.80
CA LEU A 111 18.03 6.17 8.82
C LEU A 111 19.49 6.50 8.56
N LYS A 112 19.73 7.50 7.73
CA LYS A 112 21.07 7.84 7.29
C LYS A 112 21.82 8.38 8.51
N VAL A 113 21.14 9.22 9.28
CA VAL A 113 21.64 9.76 10.53
C VAL A 113 21.82 8.65 11.59
N MET A 114 20.84 7.74 11.71
CA MET A 114 20.97 6.65 12.69
C MET A 114 22.26 5.83 12.42
N CYS A 115 22.43 5.43 11.16
CA CYS A 115 23.65 4.76 10.68
C CYS A 115 24.91 5.56 10.92
N GLU A 116 24.85 6.87 10.70
CA GLU A 116 26.05 7.69 10.79
C GLU A 116 26.63 7.66 12.18
N ASP A 117 25.84 7.23 13.15
CA ASP A 117 26.34 7.07 14.51
C ASP A 117 27.05 5.74 14.71
N ALA A 118 28.23 5.64 14.12
CA ALA A 118 29.16 4.54 14.32
C ALA A 118 30.55 5.09 13.97
N LYS B 6 22.86 14.62 16.12
CA LYS B 6 21.68 14.20 16.87
C LYS B 6 20.59 13.58 15.98
N VAL B 7 19.86 12.60 16.49
CA VAL B 7 18.90 11.83 15.67
C VAL B 7 17.46 12.38 15.68
N PRO B 8 16.91 12.67 14.48
CA PRO B 8 15.53 13.19 14.42
C PRO B 8 14.51 12.25 15.05
N GLU B 9 13.37 12.83 15.44
CA GLU B 9 12.27 12.04 15.95
C GLU B 9 11.75 11.24 14.77
N CYS B 10 11.23 10.06 15.07
CA CYS B 10 10.59 9.19 14.07
C CYS B 10 9.54 9.99 13.30
N ARG B 11 9.26 9.58 12.06
CA ARG B 11 8.44 10.34 11.13
C ARG B 11 7.40 9.42 10.45
N LEU B 12 7.31 8.17 10.89
CA LEU B 12 6.38 7.18 10.33
C LEU B 12 4.94 7.71 10.24
N ALA B 13 4.41 8.14 11.38
CA ALA B 13 3.08 8.70 11.46
C ALA B 13 2.82 9.80 10.44
N ASP B 14 3.69 10.79 10.39
CA ASP B 14 3.36 11.93 9.57
C ASP B 14 3.40 11.57 8.10
N GLU B 15 4.32 10.68 7.76
CA GLU B 15 4.51 10.29 6.36
C GLU B 15 3.35 9.45 5.88
N LEU B 16 2.92 8.50 6.72
CA LEU B 16 1.75 7.70 6.42
C LEU B 16 0.53 8.60 6.36
N GLY B 17 0.46 9.55 7.28
CA GLY B 17 -0.62 10.52 7.27
C GLY B 17 -0.84 11.16 5.90
N GLY B 18 0.27 11.44 5.20
CA GLY B 18 0.26 12.00 3.85
C GLY B 18 -0.48 11.16 2.81
N LEU B 19 -0.39 9.83 2.92
CA LEU B 19 -1.12 8.95 2.01
C LEU B 19 -2.64 9.15 2.05
N TRP B 20 -3.17 9.25 3.27
CA TRP B 20 -4.58 9.51 3.50
C TRP B 20 -4.99 10.96 3.12
N GLU B 21 -4.17 11.93 3.51
CA GLU B 21 -4.38 13.33 3.20
C GLU B 21 -4.44 13.52 1.68
N ASN B 22 -3.46 12.94 1.00
CA ASN B 22 -3.22 13.29 -0.38
C ASN B 22 -3.70 12.25 -1.37
N SER B 23 -4.25 11.18 -0.81
CA SER B 23 -4.86 10.10 -1.55
C SER B 23 -3.90 9.43 -2.50
N ARG B 24 -2.68 9.18 -2.04
CA ARG B 24 -1.68 8.68 -2.98
C ARG B 24 -1.70 7.14 -3.04
N PHE B 25 -1.72 6.58 -4.26
CA PHE B 25 -1.66 5.14 -4.48
C PHE B 25 -2.74 4.37 -3.77
N THR B 26 -3.95 4.92 -3.75
CA THR B 26 -5.04 4.26 -3.02
C THR B 26 -5.62 3.11 -3.82
N ASP B 27 -6.31 2.19 -3.13
CA ASP B 27 -6.75 0.93 -3.72
C ASP B 27 -8.19 0.49 -3.32
N CYS B 28 -8.90 1.31 -2.56
CA CYS B 28 -10.29 1.00 -2.23
C CYS B 28 -11.10 2.23 -1.86
N CYS B 29 -12.42 2.10 -1.97
CA CYS B 29 -13.31 3.23 -1.79
C CYS B 29 -14.25 2.95 -0.63
N LEU B 30 -14.36 3.90 0.28
CA LEU B 30 -15.27 3.79 1.41
C LEU B 30 -16.35 4.83 1.30
N CYS B 31 -17.56 4.36 1.04
CA CYS B 31 -18.66 5.26 0.91
C CYS B 31 -19.35 5.36 2.25
N VAL B 32 -19.26 6.52 2.89
CA VAL B 32 -19.81 6.73 4.22
C VAL B 32 -20.97 7.73 4.10
N ALA B 33 -22.20 7.26 4.27
CA ALA B 33 -23.38 8.11 4.08
C ALA B 33 -23.32 8.84 2.73
N GLY B 34 -22.92 8.11 1.68
CA GLY B 34 -22.89 8.67 0.34
C GLY B 34 -21.63 9.45 -0.01
N GLN B 35 -20.76 9.73 0.99
CA GLN B 35 -19.50 10.39 0.72
C GLN B 35 -18.38 9.38 0.45
N GLU B 36 -17.82 9.39 -0.76
CA GLU B 36 -16.77 8.43 -1.06
C GLU B 36 -15.40 8.86 -0.51
N PHE B 37 -14.71 7.93 0.11
CA PHE B 37 -13.37 8.24 0.66
C PHE B 37 -12.42 7.23 0.11
N GLN B 38 -11.23 7.65 -0.24
CA GLN B 38 -10.25 6.71 -0.75
C GLN B 38 -9.24 6.32 0.33
N ALA B 39 -8.87 5.04 0.33
CA ALA B 39 -8.00 4.51 1.36
C ALA B 39 -7.18 3.31 0.87
N HIS B 40 -6.48 2.62 1.77
CA HIS B 40 -5.59 1.52 1.38
C HIS B 40 -5.90 0.24 2.17
N LYS B 41 -6.36 -0.78 1.48
CA LYS B 41 -6.64 -2.05 2.14
C LYS B 41 -5.57 -2.48 3.15
N ALA B 42 -4.29 -2.51 2.76
CA ALA B 42 -3.26 -3.12 3.62
C ALA B 42 -3.14 -2.39 4.92
N ILE B 43 -3.39 -1.09 4.88
CA ILE B 43 -3.25 -0.28 6.07
C ILE B 43 -4.45 -0.40 7.02
N LEU B 44 -5.64 -0.58 6.48
CA LEU B 44 -6.82 -0.70 7.30
C LEU B 44 -6.76 -2.05 7.95
N ALA B 45 -6.25 -2.99 7.19
CA ALA B 45 -6.14 -4.36 7.61
C ALA B 45 -5.09 -4.53 8.70
N ALA B 46 -3.96 -3.87 8.58
CA ALA B 46 -2.91 -4.01 9.61
C ALA B 46 -3.34 -3.40 10.95
N ARG B 47 -4.35 -2.53 10.90
CA ARG B 47 -4.72 -1.72 12.06
C ARG B 47 -6.05 -2.09 12.69
N SER B 48 -6.88 -2.78 11.93
CA SER B 48 -8.17 -3.19 12.40
C SER B 48 -8.48 -4.59 11.90
N PRO B 49 -8.57 -5.58 12.82
CA PRO B 49 -8.86 -6.94 12.34
C PRO B 49 -10.25 -7.10 11.70
N VAL B 50 -11.11 -6.12 11.86
CA VAL B 50 -12.43 -6.19 11.26
C VAL B 50 -12.30 -5.79 9.81
N PHE B 51 -11.65 -4.64 9.55
CA PHE B 51 -11.24 -4.31 8.17
C PHE B 51 -10.44 -5.44 7.52
N SER B 52 -9.47 -5.97 8.25
CA SER B 52 -8.69 -7.06 7.72
C SER B 52 -9.55 -8.24 7.26
N ALA B 53 -10.51 -8.68 8.08
CA ALA B 53 -11.36 -9.80 7.66
C ALA B 53 -12.27 -9.43 6.49
N MET B 54 -12.67 -8.17 6.44
CA MET B 54 -13.50 -7.67 5.33
C MET B 54 -12.79 -7.79 3.96
N PHE B 55 -11.48 -7.59 3.93
CA PHE B 55 -10.79 -7.63 2.67
C PHE B 55 -10.25 -8.98 2.31
N GLU B 56 -10.09 -9.82 3.30
CA GLU B 56 -9.48 -11.12 3.10
C GLU B 56 -10.44 -12.10 2.44
N HIS B 57 -11.73 -12.01 2.80
CA HIS B 57 -12.67 -13.05 2.35
C HIS B 57 -13.15 -12.75 0.94
N GLU B 58 -13.86 -13.68 0.32
CA GLU B 58 -14.49 -13.39 -0.97
C GLU B 58 -15.94 -12.98 -0.77
N MET B 59 -16.10 -11.74 -0.32
CA MET B 59 -17.38 -11.08 -0.06
C MET B 59 -17.45 -9.74 -0.83
N GLU B 60 -18.64 -9.16 -0.94
CA GLU B 60 -18.87 -8.01 -1.84
C GLU B 60 -17.82 -6.89 -1.75
N GLU B 61 -17.21 -6.73 -0.58
CA GLU B 61 -16.24 -5.66 -0.34
C GLU B 61 -14.87 -5.94 -0.96
N SER B 62 -14.42 -7.19 -0.88
CA SER B 62 -13.22 -7.64 -1.57
C SER B 62 -13.39 -7.59 -3.12
N LYS B 63 -14.57 -7.95 -3.61
CA LYS B 63 -14.82 -8.06 -5.06
C LYS B 63 -14.87 -6.71 -5.77
N LYS B 64 -15.54 -5.75 -5.14
CA LYS B 64 -15.75 -4.45 -5.73
C LYS B 64 -14.78 -3.39 -5.21
N ASN B 65 -13.90 -3.80 -4.29
CA ASN B 65 -13.02 -2.87 -3.62
C ASN B 65 -13.79 -1.68 -3.06
N ARG B 66 -14.92 -1.96 -2.42
CA ARG B 66 -15.78 -0.91 -1.94
C ARG B 66 -16.54 -1.29 -0.66
N VAL B 67 -16.56 -0.38 0.29
CA VAL B 67 -17.30 -0.58 1.54
C VAL B 67 -18.46 0.42 1.68
N GLU B 68 -19.64 -0.04 2.01
CA GLU B 68 -20.76 0.88 2.24
C GLU B 68 -20.96 1.01 3.75
N ILE B 69 -20.53 2.13 4.34
CA ILE B 69 -20.63 2.33 5.79
C ILE B 69 -21.71 3.34 6.13
N ASN B 70 -22.79 2.88 6.75
CA ASN B 70 -23.91 3.79 7.07
C ASN B 70 -24.14 4.15 8.54
N ASP B 71 -23.38 3.56 9.45
CA ASP B 71 -23.57 3.83 10.88
C ASP B 71 -22.58 4.81 11.50
N VAL B 72 -21.69 5.36 10.69
CA VAL B 72 -20.69 6.30 11.20
C VAL B 72 -20.78 7.66 10.51
N GLU B 73 -20.74 8.74 11.29
CA GLU B 73 -20.83 10.07 10.70
C GLU B 73 -19.47 10.40 10.07
N PRO B 74 -19.48 11.05 8.91
CA PRO B 74 -18.24 11.27 8.14
C PRO B 74 -17.17 12.04 8.90
N GLU B 75 -17.52 13.10 9.63
CA GLU B 75 -16.52 13.75 10.50
C GLU B 75 -15.90 12.73 11.45
N VAL B 76 -16.74 11.83 11.96
CA VAL B 76 -16.29 10.85 12.92
C VAL B 76 -15.48 9.77 12.21
N PHE B 77 -15.94 9.41 11.02
CA PHE B 77 -15.24 8.42 10.24
C PHE B 77 -13.86 8.98 9.94
N LYS B 78 -13.82 10.24 9.47
CA LYS B 78 -12.56 10.92 9.19
C LYS B 78 -11.57 10.95 10.37
N GLU B 79 -12.08 11.06 11.59
CA GLU B 79 -11.17 11.02 12.74
C GLU B 79 -10.66 9.60 12.97
N MET B 80 -11.55 8.61 12.81
CA MET B 80 -11.12 7.21 12.88
C MET B 80 -9.98 6.89 11.89
N MET B 81 -10.09 7.39 10.67
CA MET B 81 -9.10 7.17 9.60
C MET B 81 -7.78 7.85 9.92
N CYS B 82 -7.85 9.09 10.41
CA CYS B 82 -6.66 9.78 10.91
C CYS B 82 -5.95 8.92 11.98
N PHE B 83 -6.72 8.30 12.85
CA PHE B 83 -6.13 7.46 13.86
C PHE B 83 -5.46 6.25 13.26
N ILE B 84 -6.19 5.55 12.40
CA ILE B 84 -5.66 4.39 11.67
C ILE B 84 -4.26 4.61 11.05
N TYR B 85 -4.09 5.72 10.35
CA TYR B 85 -2.85 6.07 9.65
C TYR B 85 -1.73 6.74 10.47
N THR B 86 -2.12 7.52 11.48
CA THR B 86 -1.13 8.25 12.25
C THR B 86 -1.11 7.95 13.76
N GLY B 87 -2.02 7.14 14.25
CA GLY B 87 -2.13 6.90 15.68
C GLY B 87 -2.58 8.07 16.54
N LYS B 88 -2.94 9.20 15.92
CA LYS B 88 -3.31 10.39 16.67
C LYS B 88 -4.73 10.74 16.29
N ALA B 89 -5.46 11.40 17.19
CA ALA B 89 -6.82 11.90 16.89
C ALA B 89 -7.04 13.28 17.49
N PRO B 90 -6.45 14.31 16.85
CA PRO B 90 -6.38 15.69 17.39
C PRO B 90 -7.75 16.27 17.70
N ASN B 91 -8.80 15.79 17.03
CA ASN B 91 -10.14 16.36 17.21
C ASN B 91 -11.02 15.50 18.11
N LEU B 92 -10.42 14.48 18.73
CA LEU B 92 -11.10 13.57 19.66
C LEU B 92 -12.04 14.20 20.69
N ASP B 93 -11.65 15.31 21.29
CA ASP B 93 -12.47 15.88 22.35
C ASP B 93 -13.88 16.25 21.94
N LYS B 94 -14.06 16.72 20.71
CA LYS B 94 -15.40 17.08 20.24
C LYS B 94 -16.41 15.93 20.06
N MET B 95 -15.94 14.81 19.52
CA MET B 95 -16.80 13.65 19.19
C MET B 95 -16.53 12.40 20.03
N ALA B 96 -15.87 12.57 21.16
CA ALA B 96 -15.36 11.47 21.95
C ALA B 96 -16.38 10.36 22.15
N ASP B 97 -17.64 10.75 22.31
CA ASP B 97 -18.77 9.82 22.41
C ASP B 97 -18.87 8.86 21.22
N ASP B 98 -19.00 9.40 20.02
CA ASP B 98 -19.25 8.58 18.82
C ASP B 98 -18.00 7.82 18.43
N LEU B 99 -16.90 8.54 18.31
CA LEU B 99 -15.58 7.93 18.08
C LEU B 99 -15.31 6.67 18.92
N LEU B 100 -15.68 6.71 20.20
CA LEU B 100 -15.55 5.54 21.06
C LEU B 100 -16.44 4.40 20.55
N ALA B 101 -17.68 4.71 20.15
CA ALA B 101 -18.56 3.70 19.59
C ALA B 101 -17.99 3.19 18.26
N ALA B 102 -17.36 4.07 17.51
CA ALA B 102 -16.83 3.73 16.20
C ALA B 102 -15.57 2.88 16.39
N ALA B 103 -14.74 3.26 17.36
CA ALA B 103 -13.51 2.55 17.65
C ALA B 103 -13.77 1.12 18.09
N ASP B 104 -14.88 0.93 18.80
CA ASP B 104 -15.19 -0.36 19.43
C ASP B 104 -15.74 -1.27 18.35
N LYS B 105 -16.55 -0.74 17.44
CA LYS B 105 -17.04 -1.50 16.30
C LYS B 105 -15.89 -2.03 15.44
N TYR B 106 -14.90 -1.20 15.16
CA TYR B 106 -13.84 -1.59 14.23
C TYR B 106 -12.61 -2.12 14.93
N ALA B 107 -12.81 -2.45 16.20
CA ALA B 107 -11.76 -2.99 17.04
C ALA B 107 -10.45 -2.19 17.06
N LEU B 108 -10.56 -0.86 17.04
CA LEU B 108 -9.40 -0.02 17.23
C LEU B 108 -9.11 0.21 18.74
N GLU B 109 -8.38 -0.71 19.37
CA GLU B 109 -8.33 -0.79 20.84
C GLU B 109 -7.76 0.43 21.58
N ARG B 110 -6.61 0.93 21.13
CA ARG B 110 -6.00 2.10 21.75
C ARG B 110 -6.90 3.31 21.58
N LEU B 111 -7.52 3.44 20.41
CA LEU B 111 -8.48 4.52 20.17
C LEU B 111 -9.68 4.45 21.13
N LYS B 112 -10.17 3.25 21.38
CA LYS B 112 -11.30 3.04 22.28
C LYS B 112 -10.96 3.52 23.71
N VAL B 113 -9.70 3.35 24.09
CA VAL B 113 -9.23 3.75 25.43
C VAL B 113 -8.92 5.25 25.49
N MET B 114 -8.22 5.79 24.50
CA MET B 114 -8.04 7.23 24.36
C MET B 114 -9.39 7.97 24.54
N CYS B 115 -10.42 7.49 23.86
CA CYS B 115 -11.78 8.00 24.02
C CYS B 115 -12.27 7.87 25.47
N GLU B 116 -12.07 6.70 26.08
CA GLU B 116 -12.58 6.48 27.42
C GLU B 116 -11.96 7.50 28.37
N ASP B 117 -10.70 7.84 28.15
CA ASP B 117 -10.03 8.79 29.01
C ASP B 117 -10.77 10.12 28.95
N ALA B 118 -11.22 10.47 27.76
CA ALA B 118 -11.94 11.71 27.54
C ALA B 118 -13.30 11.77 28.24
N LEU B 119 -14.03 10.65 28.23
CA LEU B 119 -15.34 10.59 28.84
C LEU B 119 -15.29 10.57 30.36
N CYS B 120 -14.12 10.33 30.94
CA CYS B 120 -13.96 10.46 32.39
C CYS B 120 -13.71 11.93 32.71
N SER B 121 -13.45 12.68 31.65
CA SER B 121 -12.96 14.07 31.72
C SER B 121 -11.50 14.10 32.17
N THR C 7 43.57 6.24 -18.42
CA THR C 7 42.21 6.71 -18.17
C THR C 7 41.22 5.58 -18.32
N MSE C 8 40.97 4.86 -17.23
CA MSE C 8 40.02 3.76 -17.25
C MSE C 8 38.80 4.08 -16.39
O MSE C 8 37.76 3.43 -16.52
CB MSE C 8 40.68 2.46 -16.80
CG MSE C 8 41.66 1.87 -17.79
SE MSE C 8 40.79 1.03 -19.34
CE MSE C 8 42.37 0.43 -20.29
N ASP C 9 38.92 5.07 -15.52
CA ASP C 9 37.81 5.46 -14.67
C ASP C 9 37.05 6.49 -15.50
N GLU C 10 37.78 7.17 -16.39
CA GLU C 10 37.18 7.98 -17.42
C GLU C 10 36.17 7.14 -18.19
N LYS C 11 36.63 6.04 -18.76
CA LYS C 11 35.80 5.19 -19.61
C LYS C 11 34.57 4.63 -18.91
N TYR C 12 34.75 4.21 -17.65
CA TYR C 12 33.64 3.74 -16.85
C TYR C 12 32.56 4.81 -16.72
N VAL C 13 32.96 6.04 -16.42
CA VAL C 13 31.96 7.09 -16.20
C VAL C 13 31.33 7.55 -17.52
N ASN C 14 32.13 7.64 -18.57
CA ASN C 14 31.62 7.84 -19.92
C ASN C 14 30.58 6.80 -20.26
N SER C 15 30.91 5.55 -19.92
CA SER C 15 30.01 4.42 -20.14
C SER C 15 28.62 4.58 -19.51
N ILE C 16 28.58 5.12 -18.28
CA ILE C 16 27.36 5.29 -17.53
C ILE C 16 26.56 6.43 -18.07
N TRP C 17 27.27 7.52 -18.36
CA TRP C 17 26.64 8.64 -19.03
C TRP C 17 25.98 8.20 -20.35
N ASP C 18 26.68 7.36 -21.10
CA ASP C 18 26.15 6.88 -22.36
C ASP C 18 24.79 6.22 -22.24
N LEU C 19 24.58 5.45 -21.16
CA LEU C 19 23.30 4.76 -20.98
C LEU C 19 22.17 5.76 -20.70
N LEU C 20 22.46 6.64 -19.76
CA LEU C 20 21.57 7.72 -19.39
C LEU C 20 21.14 8.58 -20.57
N LYS C 21 22.11 9.08 -21.31
CA LYS C 21 21.87 9.98 -22.42
C LYS C 21 20.87 9.29 -23.33
N ASN C 22 21.16 8.05 -23.71
CA ASN C 22 20.23 7.26 -24.49
C ASN C 22 18.79 7.26 -23.89
N ALA C 23 18.69 7.17 -22.57
CA ALA C 23 17.39 6.99 -21.95
C ALA C 23 16.64 8.33 -21.99
N ILE C 24 17.32 9.36 -21.52
CA ILE C 24 16.88 10.73 -21.65
C ILE C 24 16.29 11.00 -23.03
N GLN C 25 17.00 10.62 -24.07
CA GLN C 25 16.50 10.87 -25.44
C GLN C 25 15.22 10.13 -25.77
N GLU C 26 15.06 8.92 -25.24
CA GLU C 26 13.82 8.16 -25.41
C GLU C 26 12.63 8.85 -24.75
N ILE C 27 12.85 9.34 -23.54
CA ILE C 27 11.87 10.12 -22.80
C ILE C 27 11.49 11.36 -23.58
N GLN C 28 12.47 11.99 -24.23
CA GLN C 28 12.23 13.19 -25.03
C GLN C 28 11.31 12.84 -26.20
N ARG C 29 11.42 11.62 -26.70
CA ARG C 29 10.53 11.16 -27.77
C ARG C 29 9.35 10.37 -27.22
N LYS C 30 9.10 10.52 -25.91
CA LYS C 30 7.94 9.93 -25.28
C LYS C 30 7.95 8.41 -25.40
N ASN C 31 9.14 7.81 -25.41
CA ASN C 31 9.23 6.36 -25.57
C ASN C 31 9.50 5.67 -24.24
N ASN C 32 9.09 6.33 -23.16
CA ASN C 32 9.57 6.02 -21.82
C ASN C 32 9.14 4.66 -21.31
N SER C 33 8.05 4.12 -21.83
CA SER C 33 7.54 2.87 -21.29
C SER C 33 8.57 1.72 -21.19
N GLY C 34 9.59 1.72 -22.06
CA GLY C 34 10.57 0.63 -22.12
C GLY C 34 11.69 0.69 -21.08
N LEU C 35 11.77 1.84 -20.42
CA LEU C 35 12.84 2.19 -19.52
C LEU C 35 12.61 1.68 -18.10
N SER C 36 13.67 1.57 -17.32
CA SER C 36 13.52 1.17 -15.93
C SER C 36 13.92 2.35 -15.05
N PHE C 37 13.04 2.77 -14.14
CA PHE C 37 13.40 3.88 -13.27
C PHE C 37 14.58 3.51 -12.35
N GLU C 38 14.55 2.29 -11.81
CA GLU C 38 15.64 1.79 -10.95
C GLU C 38 16.98 1.87 -11.64
N GLU C 39 17.08 1.33 -12.86
CA GLU C 39 18.32 1.38 -13.63
C GLU C 39 18.80 2.81 -13.86
N LEU C 40 17.92 3.69 -14.35
CA LEU C 40 18.35 5.04 -14.67
C LEU C 40 18.78 5.81 -13.42
N TYR C 41 17.92 5.85 -12.42
CA TYR C 41 18.26 6.46 -11.15
C TYR C 41 19.59 5.93 -10.58
N ARG C 42 19.80 4.63 -10.68
CA ARG C 42 20.98 4.04 -10.08
C ARG C 42 22.25 4.51 -10.79
N ASN C 43 22.17 4.65 -12.11
CA ASN C 43 23.30 5.13 -12.88
C ASN C 43 23.63 6.59 -12.59
N ALA C 44 22.58 7.40 -12.50
CA ALA C 44 22.72 8.81 -12.21
C ALA C 44 23.30 9.00 -10.83
N TYR C 45 22.83 8.19 -9.90
CA TYR C 45 23.31 8.22 -8.52
C TYR C 45 24.78 7.85 -8.42
N THR C 46 25.18 6.85 -9.21
CA THR C 46 26.55 6.36 -9.22
C THR C 46 27.56 7.39 -9.79
N MSE C 47 27.12 8.23 -10.72
CA MSE C 47 28.00 9.31 -11.17
C MSE C 47 28.28 10.34 -10.10
O MSE C 47 29.42 10.72 -9.87
CB MSE C 47 27.41 10.00 -12.37
CG MSE C 47 27.46 9.13 -13.59
SE MSE C 47 26.75 10.12 -15.09
CE MSE C 47 28.38 11.02 -15.75
N VAL C 48 27.23 10.78 -9.41
CA VAL C 48 27.39 11.77 -8.37
C VAL C 48 28.19 11.19 -7.21
N LEU C 49 27.78 9.98 -6.78
CA LEU C 49 28.40 9.30 -5.67
C LEU C 49 29.92 9.27 -5.84
N HIS C 50 30.36 9.03 -7.08
CA HIS C 50 31.80 9.02 -7.44
C HIS C 50 32.43 10.37 -7.86
N LYS C 51 31.82 11.47 -7.44
CA LYS C 51 32.35 12.80 -7.71
C LYS C 51 32.33 13.25 -9.17
N HIS C 52 31.43 12.68 -9.97
CA HIS C 52 31.31 13.07 -11.37
C HIS C 52 30.01 13.77 -11.73
N GLY C 53 29.50 14.53 -10.78
CA GLY C 53 28.24 15.25 -10.96
C GLY C 53 28.42 16.30 -12.04
N GLU C 54 29.65 16.78 -12.23
CA GLU C 54 29.83 17.79 -13.24
C GLU C 54 29.64 17.23 -14.65
N LYS C 55 30.22 16.07 -14.91
CA LYS C 55 30.03 15.41 -16.19
C LYS C 55 28.55 15.17 -16.42
N LEU C 56 27.85 14.69 -15.39
CA LEU C 56 26.42 14.47 -15.46
C LEU C 56 25.70 15.76 -15.72
N TYR C 57 26.04 16.80 -14.96
CA TYR C 57 25.36 18.09 -15.10
C TYR C 57 25.57 18.69 -16.49
N THR C 58 26.81 18.67 -16.97
CA THR C 58 27.07 19.33 -18.24
C THR C 58 26.57 18.46 -19.39
N GLY C 59 26.49 17.15 -19.16
CA GLY C 59 25.89 16.24 -20.11
C GLY C 59 24.39 16.50 -20.28
N LEU C 60 23.72 16.73 -19.14
CA LEU C 60 22.29 16.94 -19.15
C LEU C 60 21.99 18.19 -19.95
N ARG C 61 22.91 19.15 -19.84
CA ARG C 61 22.77 20.41 -20.55
C ARG C 61 22.82 20.23 -22.05
N GLU C 62 23.72 19.38 -22.53
CA GLU C 62 23.79 19.18 -23.97
C GLU C 62 22.60 18.34 -24.47
N VAL C 63 22.24 17.28 -23.79
CA VAL C 63 21.20 16.40 -24.32
C VAL C 63 19.83 17.13 -24.45
N VAL C 64 19.59 18.06 -23.52
CA VAL C 64 18.37 18.84 -23.49
C VAL C 64 18.43 20.00 -24.48
N THR C 65 19.60 20.61 -24.59
CA THR C 65 19.78 21.68 -25.55
C THR C 65 19.63 21.14 -27.00
N GLU C 66 20.18 19.96 -27.26
CA GLU C 66 20.17 19.36 -28.59
C GLU C 66 18.74 19.09 -29.03
N HIS C 67 17.91 18.65 -28.08
CA HIS C 67 16.56 18.26 -28.40
C HIS C 67 15.73 19.51 -28.73
N LEU C 68 15.92 20.56 -27.94
CA LEU C 68 15.11 21.75 -28.04
C LEU C 68 15.41 22.56 -29.27
N ILE C 69 16.69 22.60 -29.63
CA ILE C 69 17.15 23.28 -30.84
C ILE C 69 16.61 22.51 -32.02
N ASN C 70 17.07 21.28 -32.17
CA ASN C 70 16.77 20.44 -33.33
C ASN C 70 15.34 19.99 -33.59
N LYS C 71 14.63 19.57 -32.55
CA LYS C 71 13.28 19.06 -32.76
C LYS C 71 12.14 19.97 -32.29
N VAL C 72 12.20 20.42 -31.05
CA VAL C 72 11.14 21.25 -30.49
C VAL C 72 10.98 22.60 -31.18
N ARG C 73 12.10 23.25 -31.47
CA ARG C 73 12.08 24.56 -32.11
C ARG C 73 11.66 24.49 -33.60
N GLU C 74 12.14 23.48 -34.29
CA GLU C 74 11.77 23.26 -35.69
C GLU C 74 10.26 23.02 -35.78
N ASP C 75 9.76 22.15 -34.90
CA ASP C 75 8.32 21.93 -34.79
C ASP C 75 7.54 23.22 -34.63
N VAL C 76 7.97 24.10 -33.73
CA VAL C 76 7.32 25.41 -33.51
C VAL C 76 7.43 26.34 -34.75
N LEU C 77 8.61 26.43 -35.33
CA LEU C 77 8.89 27.25 -36.51
C LEU C 77 8.09 26.78 -37.70
N ASN C 78 7.72 25.51 -37.68
CA ASN C 78 6.84 24.99 -38.69
C ASN C 78 5.38 25.43 -38.50
N SER C 79 5.09 26.22 -37.48
CA SER C 79 3.68 26.49 -37.21
C SER C 79 3.32 27.97 -37.13
N LEU C 80 4.20 28.83 -37.62
CA LEU C 80 3.87 30.25 -37.68
C LEU C 80 2.66 30.47 -38.59
N ASN C 81 1.69 31.26 -38.12
CA ASN C 81 0.48 31.52 -38.91
C ASN C 81 -0.34 30.27 -39.19
N ASN C 82 0.02 29.19 -38.49
CA ASN C 82 -0.70 27.92 -38.57
C ASN C 82 -0.89 27.23 -37.22
N ASN C 83 -1.81 27.70 -36.39
CA ASN C 83 -2.02 27.12 -35.08
C ASN C 83 -0.75 27.15 -34.25
N PHE C 84 -0.19 28.36 -34.20
CA PHE C 84 1.06 28.67 -33.54
C PHE C 84 0.96 28.53 -32.01
N LEU C 85 -0.03 29.18 -31.40
CA LEU C 85 -0.18 29.11 -29.94
C LEU C 85 -0.44 27.70 -29.42
N GLN C 86 -1.31 26.97 -30.09
CA GLN C 86 -1.62 25.60 -29.74
C GLN C 86 -0.34 24.76 -29.86
N THR C 87 0.45 25.03 -30.89
CA THR C 87 1.68 24.29 -31.09
C THR C 87 2.75 24.64 -30.07
N LEU C 88 2.94 25.92 -29.79
CA LEU C 88 3.83 26.31 -28.73
C LEU C 88 3.35 25.70 -27.40
N ASN C 89 2.08 25.84 -27.08
CA ASN C 89 1.63 25.31 -25.83
C ASN C 89 1.83 23.79 -25.78
N GLN C 90 1.73 23.13 -26.92
CA GLN C 90 1.85 21.69 -26.93
C GLN C 90 3.33 21.30 -26.66
N ALA C 91 4.26 22.07 -27.21
CA ALA C 91 5.67 21.84 -26.98
C ALA C 91 6.03 22.12 -25.48
N TRP C 92 5.40 23.15 -24.92
CA TRP C 92 5.54 23.55 -23.54
C TRP C 92 5.08 22.42 -22.57
N ASN C 93 3.95 21.82 -22.87
CA ASN C 93 3.48 20.75 -22.05
C ASN C 93 4.31 19.49 -22.19
N ASP C 94 4.84 19.24 -23.37
CA ASP C 94 5.58 18.02 -23.59
C ASP C 94 6.92 18.12 -22.82
N HIS C 95 7.43 19.33 -22.79
CA HIS C 95 8.74 19.53 -22.25
C HIS C 95 8.60 19.49 -20.73
N GLN C 96 7.55 20.12 -20.19
CA GLN C 96 7.24 19.97 -18.78
C GLN C 96 7.11 18.51 -18.38
N THR C 97 6.39 17.70 -19.14
CA THR C 97 6.29 16.28 -18.79
C THR C 97 7.63 15.56 -18.83
N ALA C 98 8.46 15.88 -19.82
CA ALA C 98 9.76 15.26 -20.01
C ALA C 98 10.70 15.58 -18.82
N MSE C 99 10.80 16.87 -18.53
CA MSE C 99 11.59 17.38 -17.43
C MSE C 99 11.17 16.88 -16.05
O MSE C 99 12.01 16.79 -15.12
CB MSE C 99 11.52 18.89 -17.47
CG MSE C 99 12.18 19.46 -18.71
SE MSE C 99 14.02 18.75 -18.88
CE MSE C 99 14.65 19.17 -17.04
N VAL C 100 9.89 16.56 -15.90
CA VAL C 100 9.47 15.96 -14.67
C VAL C 100 10.01 14.53 -14.56
N MSE C 101 10.09 13.80 -15.67
CA MSE C 101 10.65 12.45 -15.62
C MSE C 101 12.16 12.45 -15.35
O MSE C 101 12.68 11.62 -14.61
CB MSE C 101 10.30 11.65 -16.86
CG MSE C 101 8.98 10.92 -16.74
SE MSE C 101 8.59 9.78 -18.26
CE MSE C 101 8.22 11.17 -19.57
N ILE C 102 12.83 13.39 -15.98
CA ILE C 102 14.25 13.57 -15.95
C ILE C 102 14.79 14.06 -14.62
N ARG C 103 14.16 15.07 -14.04
CA ARG C 103 14.60 15.58 -12.77
C ARG C 103 14.53 14.45 -11.75
N ASP C 104 13.50 13.61 -11.86
CA ASP C 104 13.33 12.52 -10.91
C ASP C 104 14.39 11.43 -11.07
N ILE C 105 14.81 11.18 -12.30
CA ILE C 105 15.86 10.21 -12.50
C ILE C 105 17.21 10.74 -11.95
N LEU C 106 17.38 12.06 -11.98
CA LEU C 106 18.56 12.79 -11.52
C LEU C 106 18.33 13.43 -10.15
N MSE C 107 17.45 12.83 -9.38
CA MSE C 107 17.06 13.35 -8.07
C MSE C 107 18.21 13.47 -7.09
O MSE C 107 18.25 14.42 -6.27
CB MSE C 107 16.11 12.34 -7.46
CG MSE C 107 14.90 12.93 -6.95
SE MSE C 107 13.87 11.50 -6.13
CE MSE C 107 13.31 10.51 -7.68
N TYR C 108 19.10 12.46 -7.11
CA TYR C 108 20.23 12.40 -6.21
C TYR C 108 21.03 13.66 -6.44
N MSE C 109 21.26 13.95 -7.71
CA MSE C 109 21.95 15.19 -8.06
C MSE C 109 21.34 16.47 -7.51
O MSE C 109 22.06 17.37 -7.09
CB MSE C 109 22.06 15.31 -9.54
CG MSE C 109 22.68 16.59 -9.95
SE MSE C 109 23.50 16.43 -11.66
CE MSE C 109 21.84 16.85 -12.60
N ASP C 110 20.01 16.58 -7.53
CA ASP C 110 19.40 17.80 -7.03
C ASP C 110 19.59 17.97 -5.54
N ARG C 111 19.87 16.87 -4.86
CA ARG C 111 19.89 16.85 -3.40
C ARG C 111 21.32 17.02 -2.91
N VAL C 112 22.26 16.43 -3.63
CA VAL C 112 23.62 16.25 -3.17
C VAL C 112 24.65 17.15 -3.90
N TYR C 113 24.33 17.63 -5.10
CA TYR C 113 25.31 18.33 -5.94
C TYR C 113 24.97 19.78 -6.21
N VAL C 114 23.76 19.95 -6.71
CA VAL C 114 23.29 21.18 -7.29
C VAL C 114 23.46 22.41 -6.42
N GLN C 115 22.90 22.40 -5.23
CA GLN C 115 22.98 23.60 -4.42
C GLN C 115 24.41 23.79 -3.94
N GLN C 116 25.09 22.68 -3.63
CA GLN C 116 26.46 22.71 -3.09
C GLN C 116 27.44 23.29 -4.11
N ASN C 117 27.01 23.38 -5.37
CA ASN C 117 27.89 23.83 -6.43
C ASN C 117 27.32 25.08 -7.14
N ASN C 118 26.42 25.77 -6.46
CA ASN C 118 25.92 27.03 -6.96
C ASN C 118 25.39 26.95 -8.42
N VAL C 119 24.80 25.83 -8.78
CA VAL C 119 24.12 25.73 -10.08
C VAL C 119 22.62 25.45 -9.93
N GLU C 120 21.86 25.79 -10.97
CA GLU C 120 20.42 25.54 -11.02
C GLU C 120 20.08 24.07 -10.86
N ASN C 121 19.02 23.79 -10.11
CA ASN C 121 18.53 22.43 -10.11
C ASN C 121 18.04 22.00 -11.50
N VAL C 122 17.77 20.72 -11.67
CA VAL C 122 17.52 20.12 -12.97
C VAL C 122 16.36 20.73 -13.71
N TYR C 123 15.20 20.79 -13.07
CA TYR C 123 14.02 21.37 -13.68
C TYR C 123 14.25 22.80 -14.14
N ASN C 124 14.93 23.61 -13.33
CA ASN C 124 15.14 25.01 -13.70
C ASN C 124 16.13 25.15 -14.85
N LEU C 125 17.02 24.18 -14.99
CA LEU C 125 17.98 24.20 -16.08
C LEU C 125 17.21 23.89 -17.35
N GLY C 126 16.32 22.89 -17.26
CA GLY C 126 15.29 22.62 -18.23
C GLY C 126 14.49 23.86 -18.61
N LEU C 127 14.03 24.63 -17.64
CA LEU C 127 13.24 25.80 -17.96
C LEU C 127 14.09 26.84 -18.70
N ILE C 128 15.33 26.99 -18.28
CA ILE C 128 16.19 28.02 -18.80
C ILE C 128 16.46 27.77 -20.30
N ILE C 129 16.62 26.49 -20.64
CA ILE C 129 16.89 26.13 -22.02
C ILE C 129 15.63 26.30 -22.92
N PHE C 130 14.47 25.81 -22.48
CA PHE C 130 13.24 26.06 -23.21
C PHE C 130 13.08 27.53 -23.44
N ARG C 131 13.33 28.31 -22.39
CA ARG C 131 13.17 29.76 -22.48
C ARG C 131 14.06 30.39 -23.54
N ASP C 132 15.31 29.97 -23.55
CA ASP C 132 16.32 30.66 -24.35
C ASP C 132 16.38 30.08 -25.77
N GLN C 133 16.02 28.81 -25.94
CA GLN C 133 16.17 28.16 -27.21
C GLN C 133 14.89 28.14 -28.06
N VAL C 134 13.72 28.20 -27.41
CA VAL C 134 12.44 28.16 -28.13
C VAL C 134 11.59 29.43 -28.07
N VAL C 135 11.16 29.81 -26.86
CA VAL C 135 10.37 31.03 -26.65
C VAL C 135 11.09 32.36 -26.98
N ARG C 136 12.43 32.38 -26.85
CA ARG C 136 13.21 33.58 -27.14
C ARG C 136 14.08 33.41 -28.36
N TYR C 137 13.82 32.38 -29.16
CA TYR C 137 14.45 32.33 -30.48
C TYR C 137 13.80 33.46 -31.27
N GLY C 138 14.62 34.24 -31.97
CA GLY C 138 14.21 35.44 -32.69
C GLY C 138 12.82 35.43 -33.32
N CYS C 139 12.62 34.59 -34.31
CA CYS C 139 11.36 34.50 -35.03
C CYS C 139 10.19 34.05 -34.10
N ILE C 140 10.38 33.03 -33.29
CA ILE C 140 9.30 32.62 -32.39
C ILE C 140 8.91 33.75 -31.41
N ARG C 141 9.92 34.41 -30.83
CA ARG C 141 9.65 35.45 -29.85
C ARG C 141 8.84 36.58 -30.46
N ASP C 142 9.21 36.98 -31.66
CA ASP C 142 8.43 38.00 -32.39
C ASP C 142 6.97 37.56 -32.57
N HIS C 143 6.78 36.32 -33.02
CA HIS C 143 5.46 35.85 -33.39
C HIS C 143 4.57 35.65 -32.15
N LEU C 144 5.12 35.04 -31.09
CA LEU C 144 4.41 35.00 -29.82
C LEU C 144 3.89 36.40 -29.43
N ARG C 145 4.77 37.41 -29.43
CA ARG C 145 4.42 38.73 -28.94
C ARG C 145 3.34 39.42 -29.81
N GLN C 146 3.43 39.27 -31.11
CA GLN C 146 2.48 40.02 -31.91
C GLN C 146 1.15 39.27 -32.08
N THR C 147 1.19 37.93 -32.08
CA THR C 147 -0.02 37.13 -32.00
C THR C 147 -0.84 37.51 -30.75
N LEU C 148 -0.21 37.55 -29.57
CA LEU C 148 -0.92 37.88 -28.33
C LEU C 148 -1.47 39.30 -28.39
N LEU C 149 -0.64 40.22 -28.87
CA LEU C 149 -1.03 41.62 -28.88
C LEU C 149 -2.12 41.82 -29.90
N ASP C 150 -2.07 41.07 -30.98
CA ASP C 150 -3.07 41.24 -32.01
C ASP C 150 -4.42 40.71 -31.54
N MSE C 151 -4.41 39.68 -30.70
CA MSE C 151 -5.66 39.19 -30.18
C MSE C 151 -6.29 40.22 -29.27
O MSE C 151 -7.48 40.51 -29.37
CB MSE C 151 -5.48 37.86 -29.47
CG MSE C 151 -5.18 36.75 -30.45
SE MSE C 151 -4.57 35.10 -29.57
CE MSE C 151 -6.29 34.22 -29.17
N ILE C 152 -5.48 40.80 -28.41
CA ILE C 152 -5.97 41.74 -27.43
C ILE C 152 -6.53 42.95 -28.17
N ALA C 153 -5.77 43.46 -29.11
CA ALA C 153 -6.23 44.59 -29.89
C ALA C 153 -7.52 44.33 -30.72
N ARG C 154 -7.76 43.10 -31.14
CA ARG C 154 -8.99 42.81 -31.88
C ARG C 154 -10.17 42.58 -30.94
N GLU C 155 -9.89 41.99 -29.78
CA GLU C 155 -10.96 41.81 -28.81
C GLU C 155 -11.41 43.21 -28.35
N ARG C 156 -10.49 44.17 -28.35
CA ARG C 156 -10.83 45.51 -27.92
C ARG C 156 -11.85 46.11 -28.88
N LYS C 157 -11.71 45.74 -30.16
CA LYS C 157 -12.52 46.27 -31.25
C LYS C 157 -13.82 45.50 -31.47
N GLY C 158 -14.04 44.44 -30.70
CA GLY C 158 -15.29 43.71 -30.81
C GLY C 158 -15.11 42.24 -31.11
N GLU C 159 -13.98 41.84 -31.67
CA GLU C 159 -13.80 40.44 -32.00
C GLU C 159 -13.76 39.47 -30.80
N VAL C 160 -14.03 38.20 -31.09
CA VAL C 160 -14.04 37.16 -30.10
C VAL C 160 -12.80 36.32 -30.34
N VAL C 161 -11.94 36.21 -29.33
CA VAL C 161 -10.65 35.57 -29.50
C VAL C 161 -10.48 34.48 -28.43
N ASP C 162 -9.56 33.54 -28.63
CA ASP C 162 -9.33 32.46 -27.66
C ASP C 162 -8.67 32.98 -26.35
N ARG C 163 -9.44 33.24 -25.31
CA ARG C 163 -8.88 33.80 -24.07
C ARG C 163 -8.05 32.77 -23.29
N GLY C 164 -8.42 31.50 -23.40
CA GLY C 164 -7.66 30.42 -22.81
C GLY C 164 -6.24 30.36 -23.37
N ALA C 165 -6.13 30.47 -24.69
CA ALA C 165 -4.83 30.42 -25.31
C ALA C 165 -3.85 31.49 -24.78
N ILE C 166 -4.37 32.69 -24.55
CA ILE C 166 -3.57 33.84 -24.11
C ILE C 166 -3.10 33.57 -22.70
N ARG C 167 -4.04 33.09 -21.90
CA ARG C 167 -3.84 32.76 -20.51
C ARG C 167 -2.76 31.68 -20.39
N ASN C 168 -2.78 30.67 -21.27
CA ASN C 168 -1.74 29.65 -21.25
C ASN C 168 -0.35 30.17 -21.62
N ALA C 169 -0.33 31.11 -22.57
CA ALA C 169 0.89 31.73 -23.01
C ALA C 169 1.49 32.62 -21.89
N CYS C 170 0.66 33.42 -21.24
CA CYS C 170 1.13 34.22 -20.12
C CYS C 170 1.69 33.44 -18.93
N GLN C 171 1.01 32.35 -18.60
CA GLN C 171 1.37 31.55 -17.46
C GLN C 171 2.73 30.90 -17.68
N MSE C 172 2.90 30.44 -18.90
CA MSE C 172 4.15 29.93 -19.39
C MSE C 172 5.27 30.91 -19.22
O MSE C 172 6.31 30.57 -18.65
CB MSE C 172 4.02 29.64 -20.86
CG MSE C 172 5.24 29.01 -21.40
SE MSE C 172 5.35 28.88 -23.33
CE MSE C 172 4.89 30.69 -23.91
N LEU C 173 5.09 32.13 -19.74
CA LEU C 173 6.05 33.23 -19.56
C LEU C 173 6.39 33.48 -18.09
N MSE C 174 5.36 33.59 -17.23
CA MSE C 174 5.57 33.54 -15.78
C MSE C 174 6.53 32.46 -15.27
O MSE C 174 7.49 32.78 -14.56
CB MSE C 174 4.24 33.40 -15.08
CG MSE C 174 3.33 34.64 -15.22
SE MSE C 174 4.23 36.19 -14.47
CE MSE C 174 4.59 35.55 -12.66
N ILE C 175 6.29 31.18 -15.62
CA ILE C 175 7.09 30.08 -15.10
C ILE C 175 8.54 30.14 -15.62
N LEU C 176 8.70 30.65 -16.83
CA LEU C 176 10.01 30.72 -17.44
C LEU C 176 10.94 31.74 -16.79
N GLY C 177 10.38 32.55 -15.88
CA GLY C 177 11.11 33.55 -15.12
C GLY C 177 11.63 33.04 -13.76
N LEU C 178 11.55 31.73 -13.55
CA LEU C 178 12.01 31.08 -12.31
C LEU C 178 11.45 31.60 -10.98
N GLU C 179 10.13 31.53 -10.79
CA GLU C 179 9.49 32.12 -9.61
C GLU C 179 9.71 33.65 -9.49
N GLY C 180 9.63 34.36 -10.62
CA GLY C 180 9.61 35.83 -10.66
C GLY C 180 9.01 36.18 -12.01
N ARG C 181 8.62 37.45 -12.25
CA ARG C 181 7.91 37.85 -13.44
C ARG C 181 8.77 38.41 -14.60
N SER C 182 10.10 38.44 -14.41
CA SER C 182 11.04 39.00 -15.42
C SER C 182 10.79 38.64 -16.88
N VAL C 183 10.42 37.41 -17.19
CA VAL C 183 10.19 37.04 -18.60
C VAL C 183 8.82 37.50 -19.09
N TYR C 184 7.85 37.44 -18.22
CA TYR C 184 6.52 37.79 -18.57
C TYR C 184 6.53 39.28 -18.81
N GLU C 185 7.18 39.97 -17.90
CA GLU C 185 7.28 41.42 -17.94
C GLU C 185 7.98 41.94 -19.21
N GLU C 186 9.12 41.39 -19.56
CA GLU C 186 9.89 41.88 -20.67
C GLU C 186 9.33 41.43 -22.02
N ASP C 187 8.85 40.21 -22.09
CA ASP C 187 8.38 39.69 -23.36
C ASP C 187 6.94 39.99 -23.66
N PHE C 188 6.12 40.19 -22.64
CA PHE C 188 4.73 40.50 -22.88
C PHE C 188 4.21 41.80 -22.30
N GLU C 189 4.53 42.05 -21.04
CA GLU C 189 3.92 43.17 -20.35
C GLU C 189 4.36 44.57 -20.79
N ALA C 190 5.66 44.72 -20.98
CA ALA C 190 6.23 45.99 -21.41
C ALA C 190 5.68 46.44 -22.76
N PRO C 191 5.62 45.56 -23.76
CA PRO C 191 4.94 46.01 -24.99
C PRO C 191 3.38 46.12 -24.91
N PHE C 192 2.77 45.29 -24.08
CA PHE C 192 1.34 45.34 -23.81
C PHE C 192 0.91 46.74 -23.35
N LEU C 193 1.66 47.28 -22.39
CA LEU C 193 1.35 48.61 -21.87
C LEU C 193 1.62 49.68 -22.91
N GLU C 194 2.73 49.54 -23.61
CA GLU C 194 3.12 50.54 -24.60
C GLU C 194 2.10 50.58 -25.72
N MSE C 195 1.71 49.40 -26.20
CA MSE C 195 0.67 49.29 -27.21
C MSE C 195 -0.67 49.79 -26.68
O MSE C 195 -1.42 50.45 -27.39
CB MSE C 195 0.58 47.84 -27.70
CG MSE C 195 -0.71 47.50 -28.42
SE MSE C 195 -1.96 46.61 -27.24
CE MSE C 195 -0.78 45.27 -26.49
N SER C 196 -0.95 49.48 -25.42
CA SER C 196 -2.19 49.90 -24.77
C SER C 196 -2.26 51.41 -24.63
N ALA C 197 -1.13 52.03 -24.28
CA ALA C 197 -1.11 53.45 -24.11
C ALA C 197 -1.49 54.11 -25.44
N GLU C 198 -0.99 53.57 -26.55
CA GLU C 198 -1.21 54.21 -27.86
C GLU C 198 -2.68 54.17 -28.13
N PHE C 199 -3.30 53.03 -27.84
CA PHE C 199 -4.71 52.82 -28.12
C PHE C 199 -5.61 53.74 -27.28
N PHE C 200 -5.23 53.98 -26.02
CA PHE C 200 -6.07 54.75 -25.12
C PHE C 200 -6.02 56.20 -25.50
N GLN C 201 -4.85 56.63 -25.98
CA GLN C 201 -4.67 58.05 -26.26
C GLN C 201 -5.51 58.36 -27.44
N MSE C 202 -5.52 57.47 -28.45
CA MSE C 202 -6.41 57.57 -29.60
C MSE C 202 -7.88 57.56 -29.20
O MSE C 202 -8.68 58.34 -29.68
CB MSE C 202 -6.14 56.47 -30.63
CG MSE C 202 -4.83 56.64 -31.46
SE MSE C 202 -4.57 55.24 -32.81
CE MSE C 202 -5.96 54.00 -32.22
N GLU C 203 -8.20 56.69 -28.25
CA GLU C 203 -9.54 56.56 -27.71
C GLU C 203 -9.96 57.87 -27.06
N SER C 204 -9.04 58.52 -26.34
CA SER C 204 -9.36 59.78 -25.68
C SER C 204 -9.78 60.85 -26.69
N GLN C 205 -9.25 60.76 -27.91
CA GLN C 205 -9.55 61.72 -28.95
C GLN C 205 -10.96 61.51 -29.49
N LYS C 206 -11.35 60.24 -29.65
CA LYS C 206 -12.74 59.93 -29.97
C LYS C 206 -13.68 60.44 -28.89
N PHE C 207 -13.54 59.96 -27.65
CA PHE C 207 -14.39 60.37 -26.53
C PHE C 207 -14.58 61.88 -26.47
N LEU C 208 -13.53 62.64 -26.75
CA LEU C 208 -13.59 64.10 -26.74
C LEU C 208 -14.34 64.69 -27.93
N ALA C 209 -14.74 63.84 -28.87
CA ALA C 209 -15.59 64.29 -29.98
C ALA C 209 -17.06 64.18 -29.60
N GLU C 210 -17.39 63.13 -28.83
CA GLU C 210 -18.71 62.95 -28.22
C GLU C 210 -19.17 64.25 -27.58
N ASN C 211 -18.20 64.99 -27.04
CA ASN C 211 -18.39 66.37 -26.57
C ASN C 211 -19.22 66.53 -25.26
N SER C 212 -19.21 65.51 -24.40
CA SER C 212 -19.74 65.66 -23.05
C SER C 212 -18.77 65.15 -21.97
N ALA C 213 -18.58 65.98 -20.94
CA ALA C 213 -17.76 65.64 -19.80
C ALA C 213 -18.26 64.35 -19.14
N SER C 214 -19.49 64.37 -18.67
CA SER C 214 -20.06 63.21 -17.98
C SER C 214 -19.99 61.90 -18.79
N VAL C 215 -20.03 62.02 -20.12
CA VAL C 215 -19.97 60.85 -20.99
C VAL C 215 -18.53 60.39 -21.17
N TYR C 216 -17.63 61.36 -21.32
CA TYR C 216 -16.22 61.03 -21.34
C TYR C 216 -15.87 60.28 -20.04
N ILE C 217 -16.26 60.87 -18.91
CA ILE C 217 -16.00 60.29 -17.59
C ILE C 217 -16.56 58.87 -17.42
N LYS C 218 -17.79 58.69 -17.88
CA LYS C 218 -18.40 57.36 -17.91
C LYS C 218 -17.68 56.43 -18.87
N LYS C 219 -17.37 56.92 -20.07
CA LYS C 219 -16.61 56.08 -21.02
C LYS C 219 -15.32 55.61 -20.43
N VAL C 220 -14.67 56.44 -19.62
CA VAL C 220 -13.40 56.03 -18.99
C VAL C 220 -13.61 55.00 -17.89
N GLU C 221 -14.69 55.19 -17.13
CA GLU C 221 -15.02 54.28 -16.05
C GLU C 221 -15.21 52.88 -16.62
N ALA C 222 -15.85 52.80 -17.78
CA ALA C 222 -16.10 51.51 -18.43
C ALA C 222 -14.84 50.93 -19.05
N ARG C 223 -13.95 51.78 -19.53
CA ARG C 223 -12.66 51.36 -20.07
C ARG C 223 -11.78 50.71 -19.00
N ILE C 224 -11.65 51.34 -17.83
CA ILE C 224 -10.91 50.77 -16.70
C ILE C 224 -11.48 49.39 -16.36
N ASN C 225 -12.80 49.31 -16.27
CA ASN C 225 -13.43 48.02 -15.96
C ASN C 225 -13.24 46.93 -17.02
N GLU C 226 -13.27 47.29 -18.30
CA GLU C 226 -12.99 46.31 -19.33
C GLU C 226 -11.55 45.76 -19.16
N GLU C 227 -10.63 46.63 -18.80
CA GLU C 227 -9.21 46.26 -18.76
C GLU C 227 -8.88 45.44 -17.51
N ILE C 228 -9.67 45.63 -16.45
CA ILE C 228 -9.48 44.85 -15.25
C ILE C 228 -10.03 43.41 -15.46
N GLU C 229 -11.22 43.31 -16.05
CA GLU C 229 -11.82 42.01 -16.35
C GLU C 229 -10.96 41.23 -17.33
N ARG C 230 -10.32 41.92 -18.29
CA ARG C 230 -9.38 41.26 -19.18
C ARG C 230 -8.13 40.73 -18.43
N VAL C 231 -7.60 41.46 -17.45
CA VAL C 231 -6.51 40.89 -16.67
C VAL C 231 -6.95 39.67 -15.89
N MSE C 232 -8.03 39.80 -15.13
CA MSE C 232 -8.48 38.67 -14.32
C MSE C 232 -8.68 37.40 -15.13
O MSE C 232 -8.57 36.29 -14.58
CB MSE C 232 -9.82 39.00 -13.64
CG MSE C 232 -9.85 40.19 -12.68
SE MSE C 232 -11.73 40.66 -12.34
CE MSE C 232 -11.51 41.88 -10.84
N HIS C 233 -9.06 37.54 -16.41
CA HIS C 233 -9.47 36.38 -17.21
C HIS C 233 -8.43 35.90 -18.23
N CYS C 234 -7.56 36.78 -18.70
CA CYS C 234 -6.54 36.44 -19.72
C CYS C 234 -5.06 36.54 -19.25
N LEU C 235 -4.75 37.59 -18.50
CA LEU C 235 -3.37 37.98 -18.17
C LEU C 235 -2.89 37.67 -16.75
N ASP C 236 -1.59 37.84 -16.47
CA ASP C 236 -1.20 37.51 -15.12
C ASP C 236 -1.76 38.57 -14.18
N LYS C 237 -2.35 38.14 -13.06
CA LYS C 237 -3.00 39.09 -12.14
C LYS C 237 -2.11 40.24 -11.73
N SER C 238 -0.79 40.00 -11.70
CA SER C 238 0.14 41.06 -11.32
C SER C 238 0.13 42.26 -12.30
N THR C 239 -0.60 42.14 -13.41
CA THR C 239 -0.66 43.19 -14.43
C THR C 239 -1.84 44.15 -14.18
N GLU C 240 -2.67 43.86 -13.19
CA GLU C 240 -3.87 44.70 -12.97
C GLU C 240 -3.54 46.15 -12.65
N GLU C 241 -2.70 46.36 -11.66
CA GLU C 241 -2.34 47.70 -11.29
C GLU C 241 -1.64 48.46 -12.41
N PRO C 242 -0.60 47.85 -13.01
CA PRO C 242 0.02 48.47 -14.18
C PRO C 242 -0.95 48.84 -15.32
N ILE C 243 -1.85 47.97 -15.77
CA ILE C 243 -2.74 48.41 -16.83
C ILE C 243 -3.67 49.51 -16.31
N VAL C 244 -4.04 49.48 -15.04
CA VAL C 244 -4.92 50.54 -14.53
C VAL C 244 -4.21 51.91 -14.47
N LYS C 245 -2.93 51.92 -14.10
CA LYS C 245 -2.16 53.15 -14.13
C LYS C 245 -2.06 53.77 -15.54
N VAL C 246 -1.78 52.96 -16.55
CA VAL C 246 -1.81 53.47 -17.93
C VAL C 246 -3.18 54.03 -18.39
N VAL C 247 -4.30 53.39 -18.00
CA VAL C 247 -5.60 53.91 -18.37
C VAL C 247 -5.74 55.28 -17.76
N GLU C 248 -5.33 55.39 -16.49
CA GLU C 248 -5.51 56.60 -15.74
C GLU C 248 -4.62 57.72 -16.25
N ARG C 249 -3.40 57.38 -16.63
CA ARG C 249 -2.51 58.38 -17.17
C ARG C 249 -3.06 58.88 -18.51
N GLU C 250 -3.35 57.96 -19.41
CA GLU C 250 -3.69 58.33 -20.77
C GLU C 250 -5.04 59.04 -20.85
N LEU C 251 -6.00 58.62 -20.07
CA LEU C 251 -7.38 59.11 -20.19
C LEU C 251 -7.80 60.14 -19.16
N ILE C 252 -7.10 60.22 -18.03
CA ILE C 252 -7.44 61.19 -16.99
C ILE C 252 -6.39 62.29 -16.75
N SER C 253 -5.19 61.91 -16.32
CA SER C 253 -4.10 62.88 -16.10
C SER C 253 -3.77 63.73 -17.31
N LYS C 254 -3.85 63.16 -18.51
CA LYS C 254 -3.51 63.94 -19.70
C LYS C 254 -4.65 64.81 -20.27
N HIS C 255 -5.84 64.72 -19.72
CA HIS C 255 -6.95 65.46 -20.26
C HIS C 255 -7.80 66.08 -19.18
N MSE C 256 -7.36 66.02 -17.93
CA MSE C 256 -8.20 66.46 -16.81
C MSE C 256 -8.63 67.92 -16.78
O MSE C 256 -9.79 68.21 -16.51
CB MSE C 256 -7.60 66.05 -15.47
CG MSE C 256 -6.25 66.66 -15.15
SE MSE C 256 -5.61 66.11 -13.39
CE MSE C 256 -5.64 64.18 -13.66
N LYS C 257 -7.72 68.83 -17.08
CA LYS C 257 -8.08 70.24 -17.13
C LYS C 257 -9.10 70.48 -18.24
N THR C 258 -8.91 69.80 -19.37
CA THR C 258 -9.81 69.92 -20.51
C THR C 258 -11.23 69.37 -20.22
N ILE C 259 -11.32 68.32 -19.41
CA ILE C 259 -12.60 67.74 -18.99
C ILE C 259 -13.30 68.64 -17.97
N VAL C 260 -12.51 69.23 -17.10
CA VAL C 260 -13.04 69.98 -15.98
C VAL C 260 -13.49 71.36 -16.42
N GLU C 261 -12.77 71.98 -17.35
CA GLU C 261 -13.08 73.33 -17.79
C GLU C 261 -13.91 73.42 -19.07
N MSE C 262 -14.57 72.31 -19.43
CA MSE C 262 -15.36 72.29 -20.66
C MSE C 262 -16.44 73.36 -20.56
O MSE C 262 -17.03 73.56 -19.50
CB MSE C 262 -15.97 70.89 -20.85
CG MSE C 262 -16.07 70.46 -22.30
SE MSE C 262 -16.07 68.52 -22.50
CE MSE C 262 -16.04 68.41 -24.45
N GLU C 263 -16.67 74.05 -21.66
CA GLU C 263 -17.56 75.21 -21.68
C GLU C 263 -19.01 74.99 -21.26
N ASN C 264 -19.63 73.92 -21.74
CA ASN C 264 -21.01 73.63 -21.36
C ASN C 264 -21.19 72.49 -20.35
N SER C 265 -20.39 71.44 -20.49
CA SER C 265 -20.49 70.28 -19.60
C SER C 265 -19.46 70.25 -18.48
N GLY C 266 -18.69 71.32 -18.37
CA GLY C 266 -17.61 71.41 -17.39
C GLY C 266 -18.17 71.43 -15.98
N LEU C 267 -17.28 71.28 -15.01
CA LEU C 267 -17.68 71.19 -13.63
C LEU C 267 -18.50 72.41 -13.25
N VAL C 268 -18.13 73.57 -13.77
CA VAL C 268 -18.89 74.77 -13.49
C VAL C 268 -20.32 74.62 -14.01
N HIS C 269 -20.47 74.02 -15.19
CA HIS C 269 -21.78 73.80 -15.78
C HIS C 269 -22.62 72.86 -14.91
N MSE C 270 -21.98 71.83 -14.39
CA MSE C 270 -22.62 70.86 -13.52
C MSE C 270 -22.98 71.53 -12.20
O MSE C 270 -24.10 71.36 -11.70
CB MSE C 270 -21.72 69.67 -13.28
CG MSE C 270 -21.26 68.98 -14.55
SE MSE C 270 -20.08 67.43 -14.24
CE MSE C 270 -19.14 68.12 -12.68
N LEU C 271 -22.05 72.33 -11.69
CA LEU C 271 -22.18 72.93 -10.36
C LEU C 271 -23.23 74.02 -10.27
N LYS C 272 -23.82 74.38 -11.40
CA LYS C 272 -24.86 75.40 -11.44
C LYS C 272 -26.17 74.82 -11.95
N ASN C 273 -26.05 73.87 -12.88
CA ASN C 273 -27.20 73.15 -13.38
C ASN C 273 -27.62 72.03 -12.41
N GLY C 274 -27.10 72.10 -11.20
CA GLY C 274 -27.44 71.16 -10.13
C GLY C 274 -27.28 69.69 -10.42
N LYS C 275 -26.25 69.30 -11.17
CA LYS C 275 -26.06 67.88 -11.46
C LYS C 275 -25.16 67.20 -10.43
N THR C 276 -25.77 66.79 -9.32
CA THR C 276 -25.04 66.14 -8.24
C THR C 276 -24.43 64.79 -8.59
N GLU C 277 -25.15 63.97 -9.34
CA GLU C 277 -24.69 62.63 -9.67
C GLU C 277 -23.45 62.71 -10.54
N ASP C 278 -23.51 63.57 -11.56
CA ASP C 278 -22.42 63.74 -12.51
C ASP C 278 -21.18 64.27 -11.82
N LEU C 279 -21.39 65.20 -10.90
CA LEU C 279 -20.28 65.76 -10.15
C LEU C 279 -19.66 64.61 -9.38
N GLY C 280 -20.51 63.74 -8.86
CA GLY C 280 -20.06 62.57 -8.12
C GLY C 280 -19.25 61.62 -8.98
N CYS C 281 -19.75 61.33 -10.18
CA CYS C 281 -19.03 60.47 -11.10
C CYS C 281 -17.67 61.08 -11.43
N MSE C 282 -17.63 62.42 -11.47
CA MSE C 282 -16.40 63.14 -11.76
C MSE C 282 -15.38 63.13 -10.61
O MSE C 282 -14.18 63.00 -10.84
CB MSE C 282 -16.70 64.58 -12.11
CG MSE C 282 -15.43 65.34 -12.39
SE MSE C 282 -15.72 67.18 -12.97
CE MSE C 282 -16.57 66.87 -14.72
N TYR C 283 -15.86 63.25 -9.38
CA TYR C 283 -15.03 63.08 -8.18
C TYR C 283 -14.39 61.67 -8.08
N LYS C 284 -15.15 60.64 -8.46
CA LYS C 284 -14.66 59.28 -8.29
C LYS C 284 -13.49 59.06 -9.23
N LEU C 285 -13.67 59.49 -10.47
CA LEU C 285 -12.65 59.31 -11.47
C LEU C 285 -11.40 60.15 -11.20
N PHE C 286 -11.54 61.43 -10.87
CA PHE C 286 -10.36 62.31 -10.66
C PHE C 286 -9.55 62.02 -9.39
N SER C 287 -10.19 61.35 -8.43
CA SER C 287 -9.50 61.04 -7.19
C SER C 287 -8.43 59.97 -7.41
N ARG C 288 -8.47 59.31 -8.56
CA ARG C 288 -7.55 58.20 -8.89
C ARG C 288 -6.10 58.62 -9.15
N VAL C 289 -5.90 59.88 -9.53
CA VAL C 289 -4.62 60.35 -10.03
C VAL C 289 -4.05 61.59 -9.32
N PRO C 290 -2.72 61.72 -9.34
CA PRO C 290 -2.10 62.89 -8.74
C PRO C 290 -2.69 64.18 -9.26
N ASN C 291 -3.00 65.07 -8.32
CA ASN C 291 -3.53 66.40 -8.59
C ASN C 291 -4.91 66.46 -9.24
N GLY C 292 -5.60 65.35 -9.27
CA GLY C 292 -6.90 65.30 -9.90
C GLY C 292 -7.95 66.11 -9.15
N LEU C 293 -7.93 66.05 -7.83
CA LEU C 293 -8.90 66.81 -7.06
C LEU C 293 -8.46 68.25 -6.97
N LYS C 294 -7.15 68.46 -6.78
CA LYS C 294 -6.57 69.80 -6.72
C LYS C 294 -7.00 70.53 -7.98
N THR C 295 -7.02 69.81 -9.09
CA THR C 295 -7.54 70.39 -10.32
C THR C 295 -9.02 70.77 -10.27
N MSE C 296 -9.83 69.95 -9.62
CA MSE C 296 -11.26 70.28 -9.52
C MSE C 296 -11.53 71.40 -8.55
O MSE C 296 -12.31 72.31 -8.85
CB MSE C 296 -12.05 69.08 -9.07
CG MSE C 296 -12.13 68.04 -10.11
SE MSE C 296 -13.11 66.64 -9.29
CE MSE C 296 -14.87 67.58 -9.20
N CYS C 297 -10.90 71.30 -7.39
CA CYS C 297 -10.95 72.34 -6.38
C CYS C 297 -10.46 73.68 -6.92
N GLU C 298 -9.62 73.67 -7.95
CA GLU C 298 -9.12 74.93 -8.48
C GLU C 298 -10.17 75.57 -9.36
N CYS C 299 -10.77 74.79 -10.25
CA CYS C 299 -11.76 75.33 -11.17
C CYS C 299 -13.01 75.75 -10.39
N MSE C 300 -13.25 75.08 -9.27
CA MSE C 300 -14.34 75.44 -8.39
C MSE C 300 -14.03 76.77 -7.70
O MSE C 300 -14.86 77.68 -7.68
CB MSE C 300 -14.57 74.35 -7.34
CG MSE C 300 -15.65 74.70 -6.30
SE MSE C 300 -15.99 73.26 -5.01
CE MSE C 300 -14.50 73.54 -3.77
N SER C 301 -12.82 76.85 -7.17
CA SER C 301 -12.39 77.97 -6.34
C SER C 301 -12.43 79.28 -7.08
N SER C 302 -12.02 79.27 -8.34
CA SER C 302 -12.07 80.47 -9.15
C SER C 302 -13.51 80.91 -9.26
N TYR C 303 -14.38 79.94 -9.53
CA TYR C 303 -15.81 80.18 -9.71
C TYR C 303 -16.46 80.74 -8.45
N LEU C 304 -16.20 80.10 -7.31
CA LEU C 304 -16.75 80.56 -6.05
C LEU C 304 -16.23 81.96 -5.76
N ARG C 305 -14.94 82.18 -6.04
CA ARG C 305 -14.33 83.49 -5.81
C ARG C 305 -14.98 84.60 -6.68
N GLU C 306 -15.42 84.26 -7.89
CA GLU C 306 -15.89 85.27 -8.84
C GLU C 306 -17.19 85.97 -8.42
N GLN C 307 -18.05 85.28 -7.69
CA GLN C 307 -19.40 85.79 -7.41
C GLN C 307 -19.45 87.17 -6.70
N GLY C 308 -18.37 87.53 -6.02
CA GLY C 308 -18.32 88.81 -5.32
C GLY C 308 -16.94 89.11 -4.77
N THR D 7 -42.54 -7.68 21.72
CA THR D 7 -41.83 -6.44 21.98
C THR D 7 -41.19 -5.89 20.71
N MSE D 8 -41.47 -4.64 20.40
CA MSE D 8 -40.92 -4.01 19.21
C MSE D 8 -39.39 -4.15 19.18
O MSE D 8 -38.80 -4.44 18.14
CB MSE D 8 -41.30 -2.53 19.14
CG MSE D 8 -42.70 -2.28 18.62
SE MSE D 8 -42.88 -2.78 16.75
CE MSE D 8 -41.53 -1.59 15.98
N ASP D 9 -38.77 -3.95 20.35
CA ASP D 9 -37.33 -4.04 20.46
C ASP D 9 -36.84 -5.49 20.37
N GLU D 10 -37.68 -6.44 20.76
CA GLU D 10 -37.33 -7.86 20.63
C GLU D 10 -37.89 -8.48 19.35
N LYS D 11 -38.64 -7.70 18.58
CA LYS D 11 -39.03 -8.14 17.25
C LYS D 11 -37.94 -7.78 16.23
N TYR D 12 -37.31 -6.63 16.43
CA TYR D 12 -36.14 -6.25 15.63
C TYR D 12 -34.99 -7.24 15.84
N VAL D 13 -34.68 -7.52 17.10
CA VAL D 13 -33.59 -8.42 17.49
C VAL D 13 -33.75 -9.79 16.82
N ASN D 14 -35.00 -10.22 16.62
CA ASN D 14 -35.23 -11.51 15.98
C ASN D 14 -35.09 -11.39 14.46
N SER D 15 -35.36 -10.20 13.94
CA SER D 15 -35.11 -9.91 12.54
C SER D 15 -33.62 -9.98 12.21
N ILE D 16 -32.76 -9.46 13.09
CA ILE D 16 -31.31 -9.45 12.84
C ILE D 16 -30.71 -10.85 12.77
N TRP D 17 -31.09 -11.69 13.73
CA TRP D 17 -30.72 -13.11 13.72
C TRP D 17 -31.22 -13.87 12.50
N ASP D 18 -32.41 -13.58 12.00
CA ASP D 18 -32.90 -14.28 10.82
C ASP D 18 -32.00 -14.03 9.61
N LEU D 19 -31.68 -12.76 9.40
CA LEU D 19 -30.76 -12.37 8.34
C LEU D 19 -29.40 -13.02 8.57
N LEU D 20 -28.99 -13.08 9.83
CA LEU D 20 -27.72 -13.69 10.19
C LEU D 20 -27.73 -15.23 10.04
N LYS D 21 -28.80 -15.87 10.49
CA LYS D 21 -28.94 -17.32 10.35
C LYS D 21 -28.94 -17.68 8.87
N ASN D 22 -29.51 -16.81 8.04
CA ASN D 22 -29.58 -17.02 6.59
C ASN D 22 -28.21 -16.87 5.95
N ALA D 23 -27.45 -15.89 6.43
CA ALA D 23 -26.10 -15.70 5.93
C ALA D 23 -25.21 -16.93 6.28
N ILE D 24 -25.38 -17.46 7.49
CA ILE D 24 -24.58 -18.59 7.92
C ILE D 24 -24.88 -19.86 7.13
N GLN D 25 -26.16 -20.11 6.83
CA GLN D 25 -26.51 -21.28 6.02
C GLN D 25 -25.98 -21.11 4.59
N GLU D 26 -26.09 -19.88 4.08
CA GLU D 26 -25.61 -19.58 2.73
C GLU D 26 -24.08 -19.75 2.61
N ILE D 27 -23.33 -19.39 3.66
CA ILE D 27 -21.89 -19.70 3.79
C ILE D 27 -21.62 -21.21 3.92
N GLN D 28 -22.53 -21.87 4.64
CA GLN D 28 -22.47 -23.30 4.80
C GLN D 28 -22.59 -24.02 3.46
N ARG D 29 -23.33 -23.43 2.54
CA ARG D 29 -23.54 -24.01 1.21
C ARG D 29 -22.45 -23.63 0.21
N LYS D 30 -21.49 -22.82 0.65
CA LYS D 30 -20.38 -22.40 -0.22
C LYS D 30 -20.71 -21.18 -1.06
N ASN D 31 -21.89 -20.60 -0.83
CA ASN D 31 -22.30 -19.40 -1.53
C ASN D 31 -21.90 -18.13 -0.78
N ASN D 32 -20.61 -17.88 -0.67
CA ASN D 32 -20.09 -16.66 -0.05
C ASN D 32 -20.14 -15.30 -0.78
N SER D 33 -19.91 -15.30 -2.10
CA SER D 33 -19.68 -14.06 -2.84
C SER D 33 -20.73 -12.94 -2.77
N GLY D 34 -22.00 -13.28 -2.77
CA GLY D 34 -23.04 -12.27 -2.74
C GLY D 34 -23.10 -11.38 -1.50
N LEU D 35 -22.84 -12.00 -0.36
CA LEU D 35 -23.00 -11.44 0.96
C LEU D 35 -22.11 -10.24 1.14
N SER D 36 -22.45 -9.42 2.13
CA SER D 36 -21.69 -8.23 2.45
C SER D 36 -21.09 -8.35 3.83
N PHE D 37 -19.76 -8.39 3.93
CA PHE D 37 -19.12 -8.58 5.24
C PHE D 37 -19.53 -7.49 6.26
N GLU D 38 -19.37 -6.23 5.89
CA GLU D 38 -19.80 -5.11 6.73
C GLU D 38 -21.19 -5.35 7.31
N GLU D 39 -22.15 -5.68 6.44
CA GLU D 39 -23.54 -5.76 6.83
C GLU D 39 -23.74 -6.83 7.89
N LEU D 40 -23.19 -8.02 7.62
CA LEU D 40 -23.33 -9.15 8.53
C LEU D 40 -22.60 -8.85 9.83
N TYR D 41 -21.38 -8.31 9.71
CA TYR D 41 -20.60 -7.93 10.89
C TYR D 41 -21.29 -6.85 11.70
N ARG D 42 -21.75 -5.80 11.03
CA ARG D 42 -22.50 -4.78 11.73
C ARG D 42 -23.67 -5.41 12.50
N ASN D 43 -24.49 -6.23 11.82
CA ASN D 43 -25.67 -6.87 12.44
C ASN D 43 -25.38 -7.75 13.67
N ALA D 44 -24.34 -8.56 13.61
CA ALA D 44 -23.95 -9.37 14.76
C ALA D 44 -23.40 -8.49 15.89
N TYR D 45 -22.70 -7.43 15.52
CA TYR D 45 -22.20 -6.48 16.49
C TYR D 45 -23.36 -5.86 17.25
N THR D 46 -24.42 -5.52 16.51
CA THR D 46 -25.51 -4.74 17.06
C THR D 46 -26.21 -5.51 18.17
N MSE D 47 -26.46 -6.79 17.92
CA MSE D 47 -27.24 -7.56 18.87
C MSE D 47 -26.47 -8.03 20.06
O MSE D 47 -27.05 -8.23 21.13
CB MSE D 47 -27.94 -8.73 18.18
CG MSE D 47 -27.05 -9.77 17.62
SE MSE D 47 -28.28 -11.20 17.08
CE MSE D 47 -28.97 -11.59 18.84
N VAL D 48 -25.17 -8.21 19.92
CA VAL D 48 -24.30 -8.34 21.08
C VAL D 48 -24.25 -7.01 21.84
N LEU D 49 -24.21 -5.92 21.09
CA LEU D 49 -24.07 -4.59 21.67
C LEU D 49 -25.26 -4.32 22.58
N HIS D 50 -26.41 -4.82 22.19
CA HIS D 50 -27.64 -4.64 22.95
C HIS D 50 -27.78 -5.72 24.02
N LYS D 51 -26.75 -6.55 24.16
CA LYS D 51 -26.71 -7.58 25.19
C LYS D 51 -27.41 -8.88 24.81
N HIS D 52 -27.73 -9.04 23.54
CA HIS D 52 -28.38 -10.24 23.08
C HIS D 52 -27.37 -11.31 22.74
N GLY D 53 -26.18 -11.13 23.28
CA GLY D 53 -25.11 -12.08 23.10
C GLY D 53 -25.58 -13.53 23.24
N GLU D 54 -26.39 -13.80 24.26
CA GLU D 54 -26.78 -15.19 24.58
C GLU D 54 -27.62 -15.80 23.45
N LYS D 55 -28.57 -15.02 22.95
CA LYS D 55 -29.40 -15.51 21.88
C LYS D 55 -28.54 -15.75 20.66
N LEU D 56 -27.51 -14.94 20.48
CA LEU D 56 -26.64 -15.09 19.31
C LEU D 56 -25.91 -16.40 19.41
N TYR D 57 -25.28 -16.64 20.55
CA TYR D 57 -24.46 -17.82 20.76
C TYR D 57 -25.26 -19.11 20.64
N THR D 58 -26.39 -19.16 21.33
CA THR D 58 -27.29 -20.30 21.27
C THR D 58 -27.78 -20.57 19.86
N GLY D 59 -28.13 -19.52 19.12
CA GLY D 59 -28.59 -19.71 17.76
C GLY D 59 -27.48 -20.25 16.88
N LEU D 60 -26.26 -19.74 17.07
CA LEU D 60 -25.08 -20.23 16.38
C LEU D 60 -24.86 -21.72 16.63
N ARG D 61 -24.90 -22.14 17.89
CA ARG D 61 -24.74 -23.54 18.25
C ARG D 61 -25.81 -24.40 17.56
N GLU D 62 -27.04 -23.90 17.52
CA GLU D 62 -28.12 -24.64 16.88
C GLU D 62 -27.92 -24.78 15.37
N VAL D 63 -27.53 -23.69 14.72
CA VAL D 63 -27.33 -23.70 13.28
C VAL D 63 -26.17 -24.58 12.80
N VAL D 64 -25.04 -24.49 13.48
CA VAL D 64 -23.88 -25.30 13.11
C VAL D 64 -24.15 -26.79 13.32
N THR D 65 -24.78 -27.09 14.46
CA THR D 65 -25.13 -28.45 14.82
C THR D 65 -26.12 -29.09 13.84
N GLU D 66 -27.16 -28.34 13.48
CA GLU D 66 -28.19 -28.85 12.57
C GLU D 66 -27.55 -29.22 11.23
N HIS D 67 -26.65 -28.37 10.75
CA HIS D 67 -25.92 -28.64 9.51
C HIS D 67 -25.01 -29.89 9.58
N LEU D 68 -24.11 -29.94 10.57
CA LEU D 68 -23.19 -31.07 10.69
C LEU D 68 -23.91 -32.38 10.94
N ILE D 69 -25.11 -32.30 11.53
CA ILE D 69 -25.91 -33.49 11.82
C ILE D 69 -26.89 -33.94 10.72
N ASN D 70 -27.68 -33.01 10.21
CA ASN D 70 -28.57 -33.29 9.08
C ASN D 70 -27.89 -33.34 7.71
N LYS D 71 -26.96 -32.43 7.44
CA LYS D 71 -26.31 -32.46 6.14
C LYS D 71 -24.92 -33.10 6.13
N VAL D 72 -24.05 -32.65 7.03
CA VAL D 72 -22.67 -33.14 7.09
C VAL D 72 -22.46 -34.60 7.50
N ARG D 73 -23.20 -35.06 8.51
CA ARG D 73 -23.05 -36.41 9.03
C ARG D 73 -23.56 -37.43 8.01
N GLU D 74 -24.60 -37.03 7.26
CA GLU D 74 -25.28 -37.92 6.32
C GLU D 74 -24.44 -38.13 5.07
N ASP D 75 -23.62 -37.16 4.73
CA ASP D 75 -22.74 -37.28 3.58
C ASP D 75 -21.72 -38.38 3.87
N VAL D 76 -21.20 -38.34 5.08
CA VAL D 76 -20.16 -39.25 5.50
C VAL D 76 -20.70 -40.68 5.64
N LEU D 77 -21.88 -40.80 6.24
CA LEU D 77 -22.58 -42.10 6.40
C LEU D 77 -23.10 -42.72 5.10
N ASN D 78 -23.39 -41.88 4.10
CA ASN D 78 -23.75 -42.38 2.78
C ASN D 78 -22.53 -42.55 1.90
N SER D 79 -21.37 -42.68 2.54
CA SER D 79 -20.10 -42.97 1.86
C SER D 79 -19.27 -44.04 2.56
N LEU D 80 -19.90 -44.86 3.40
CA LEU D 80 -19.16 -45.77 4.27
C LEU D 80 -18.19 -46.72 3.59
N ASN D 81 -18.60 -47.36 2.50
CA ASN D 81 -17.72 -48.30 1.81
C ASN D 81 -16.89 -47.75 0.67
N ASN D 82 -17.26 -46.58 0.16
CA ASN D 82 -16.51 -45.99 -0.93
C ASN D 82 -15.98 -44.59 -0.61
N ASN D 83 -14.69 -44.40 -0.81
CA ASN D 83 -14.09 -43.08 -0.64
C ASN D 83 -14.48 -42.48 0.70
N PHE D 84 -14.51 -43.31 1.75
CA PHE D 84 -14.91 -42.80 3.06
C PHE D 84 -13.95 -41.73 3.59
N LEU D 85 -12.65 -41.98 3.52
CA LEU D 85 -11.65 -41.01 3.98
C LEU D 85 -11.74 -39.63 3.29
N GLN D 86 -11.82 -39.63 1.95
CA GLN D 86 -11.95 -38.39 1.17
C GLN D 86 -13.26 -37.64 1.44
N THR D 87 -14.35 -38.38 1.58
CA THR D 87 -15.64 -37.79 1.93
C THR D 87 -15.56 -37.11 3.30
N LEU D 88 -14.97 -37.81 4.28
CA LEU D 88 -14.73 -37.24 5.58
C LEU D 88 -13.78 -36.05 5.48
N ASN D 89 -12.69 -36.22 4.75
CA ASN D 89 -11.76 -35.10 4.61
C ASN D 89 -12.32 -33.83 3.92
N GLN D 90 -13.17 -33.99 2.91
CA GLN D 90 -13.78 -32.81 2.28
C GLN D 90 -14.77 -32.14 3.22
N ALA D 91 -15.56 -32.95 3.90
CA ALA D 91 -16.41 -32.40 4.94
C ALA D 91 -15.59 -31.50 5.91
N TRP D 92 -14.44 -32.02 6.31
CA TRP D 92 -13.59 -31.36 7.28
C TRP D 92 -12.99 -30.13 6.71
N ASN D 93 -12.48 -30.24 5.47
CA ASN D 93 -11.99 -29.07 4.74
C ASN D 93 -13.09 -28.03 4.54
N ASP D 94 -14.31 -28.47 4.17
CA ASP D 94 -15.40 -27.54 3.95
C ASP D 94 -15.77 -26.87 5.28
N HIS D 95 -15.64 -27.62 6.37
CA HIS D 95 -16.09 -27.14 7.67
C HIS D 95 -15.17 -26.06 8.17
N GLN D 96 -13.87 -26.31 8.04
CA GLN D 96 -12.86 -25.32 8.38
C GLN D 96 -13.10 -24.01 7.63
N THR D 97 -13.40 -24.12 6.34
CA THR D 97 -13.59 -22.94 5.46
C THR D 97 -14.78 -22.05 5.87
N ALA D 98 -15.93 -22.67 6.09
CA ALA D 98 -17.13 -21.99 6.62
C ALA D 98 -16.87 -21.29 7.98
N MSE D 99 -16.35 -22.05 8.92
CA MSE D 99 -16.05 -21.56 10.26
C MSE D 99 -15.14 -20.31 10.29
O MSE D 99 -15.31 -19.44 11.15
CB MSE D 99 -15.43 -22.68 11.07
CG MSE D 99 -16.46 -23.71 11.44
SE MSE D 99 -18.16 -22.96 12.11
CE MSE D 99 -17.54 -21.94 13.67
N VAL D 100 -14.20 -20.24 9.35
CA VAL D 100 -13.29 -19.11 9.28
C VAL D 100 -14.06 -17.85 8.86
N MSE D 101 -15.13 -18.01 8.10
CA MSE D 101 -15.94 -16.87 7.69
C MSE D 101 -17.10 -16.55 8.63
O MSE D 101 -17.71 -15.49 8.55
CB MSE D 101 -16.49 -17.09 6.29
CG MSE D 101 -15.46 -17.01 5.19
SE MSE D 101 -16.25 -17.36 3.44
CE MSE D 101 -14.68 -17.03 2.34
N ILE D 102 -17.38 -17.48 9.54
CA ILE D 102 -18.49 -17.37 10.46
C ILE D 102 -17.92 -16.81 11.77
N ARG D 103 -16.71 -17.24 12.08
CA ARG D 103 -15.90 -16.65 13.13
C ARG D 103 -15.81 -15.14 12.91
N ASP D 104 -15.43 -14.75 11.71
CA ASP D 104 -15.08 -13.36 11.46
C ASP D 104 -16.29 -12.44 11.48
N ILE D 105 -17.45 -12.93 11.03
CA ILE D 105 -18.61 -12.06 11.03
C ILE D 105 -19.11 -11.95 12.48
N LEU D 106 -18.80 -12.97 13.27
CA LEU D 106 -19.22 -12.99 14.65
C LEU D 106 -18.08 -12.55 15.55
N MSE D 107 -17.10 -11.86 14.98
CA MSE D 107 -15.87 -11.52 15.70
C MSE D 107 -16.06 -10.68 16.97
O MSE D 107 -15.27 -10.79 17.92
CB MSE D 107 -15.00 -10.77 14.77
CG MSE D 107 -13.69 -10.34 15.34
SE MSE D 107 -12.77 -9.41 13.92
CE MSE D 107 -13.03 -10.61 12.41
N TYR D 108 -17.09 -9.85 16.98
CA TYR D 108 -17.32 -8.96 18.09
C TYR D 108 -17.76 -9.75 19.32
N MSE D 109 -18.58 -10.76 19.05
CA MSE D 109 -18.95 -11.72 20.08
C MSE D 109 -17.75 -12.43 20.69
O MSE D 109 -17.67 -12.55 21.91
CB MSE D 109 -19.92 -12.74 19.52
CG MSE D 109 -20.27 -13.80 20.51
SE MSE D 109 -21.84 -14.78 19.96
CE MSE D 109 -20.93 -15.93 18.65
N ASP D 110 -16.81 -12.89 19.87
CA ASP D 110 -15.54 -13.46 20.39
C ASP D 110 -14.76 -12.48 21.29
N ARG D 111 -14.97 -11.19 21.09
CA ARG D 111 -14.16 -10.20 21.79
C ARG D 111 -14.76 -9.76 23.13
N VAL D 112 -16.07 -9.54 23.16
CA VAL D 112 -16.71 -8.89 24.29
C VAL D 112 -17.74 -9.82 24.97
N TYR D 113 -18.15 -10.88 24.29
CA TYR D 113 -19.09 -11.82 24.87
C TYR D 113 -18.53 -13.16 25.39
N VAL D 114 -17.64 -13.82 24.65
CA VAL D 114 -17.44 -15.23 24.98
C VAL D 114 -16.52 -15.53 26.14
N GLN D 115 -15.47 -14.76 26.35
CA GLN D 115 -14.65 -15.03 27.53
C GLN D 115 -15.38 -14.61 28.82
N GLN D 116 -16.07 -13.47 28.75
CA GLN D 116 -16.83 -12.91 29.86
C GLN D 116 -17.95 -13.83 30.33
N ASN D 117 -18.44 -14.71 29.47
CA ASN D 117 -19.46 -15.69 29.87
C ASN D 117 -18.96 -17.13 29.94
N ASN D 118 -17.64 -17.29 30.00
CA ASN D 118 -17.04 -18.61 30.15
C ASN D 118 -17.53 -19.67 29.13
N VAL D 119 -17.87 -19.25 27.92
CA VAL D 119 -18.10 -20.20 26.82
C VAL D 119 -16.92 -20.26 25.84
N GLU D 120 -16.90 -21.32 25.03
CA GLU D 120 -15.90 -21.49 23.97
C GLU D 120 -16.07 -20.41 22.90
N ASN D 121 -14.95 -20.00 22.29
CA ASN D 121 -15.04 -19.07 21.18
C ASN D 121 -15.66 -19.74 19.95
N VAL D 122 -15.97 -18.97 18.92
CA VAL D 122 -16.75 -19.50 17.77
C VAL D 122 -16.06 -20.64 17.04
N TYR D 123 -14.82 -20.41 16.64
CA TYR D 123 -14.08 -21.48 15.97
C TYR D 123 -13.98 -22.74 16.82
N ASN D 124 -13.59 -22.61 18.07
CA ASN D 124 -13.53 -23.79 18.93
C ASN D 124 -14.86 -24.50 19.13
N LEU D 125 -15.94 -23.75 19.02
CA LEU D 125 -17.27 -24.28 19.16
C LEU D 125 -17.51 -25.16 17.95
N GLY D 126 -17.19 -24.63 16.77
CA GLY D 126 -17.22 -25.39 15.52
C GLY D 126 -16.41 -26.68 15.57
N LEU D 127 -15.20 -26.61 16.12
CA LEU D 127 -14.37 -27.81 16.29
C LEU D 127 -15.05 -28.79 17.24
N ILE D 128 -15.57 -28.29 18.36
CA ILE D 128 -16.22 -29.17 19.33
C ILE D 128 -17.45 -29.87 18.74
N ILE D 129 -18.23 -29.16 17.94
CA ILE D 129 -19.44 -29.74 17.36
C ILE D 129 -19.05 -30.76 16.29
N PHE D 130 -18.03 -30.42 15.49
CA PHE D 130 -17.61 -31.33 14.43
C PHE D 130 -17.05 -32.62 15.01
N ARG D 131 -16.22 -32.50 16.03
CA ARG D 131 -15.64 -33.66 16.68
C ARG D 131 -16.72 -34.53 17.34
N ASP D 132 -17.66 -33.91 18.03
CA ASP D 132 -18.67 -34.71 18.73
C ASP D 132 -19.75 -35.28 17.83
N GLN D 133 -20.18 -34.50 16.84
CA GLN D 133 -21.32 -34.87 16.02
C GLN D 133 -20.96 -35.64 14.74
N VAL D 134 -19.70 -35.54 14.29
CA VAL D 134 -19.24 -36.25 13.10
C VAL D 134 -18.15 -37.29 13.39
N VAL D 135 -16.96 -36.82 13.79
CA VAL D 135 -15.78 -37.68 14.00
C VAL D 135 -15.89 -38.70 15.17
N ARG D 136 -16.64 -38.33 16.20
CA ARG D 136 -16.86 -39.18 17.37
C ARG D 136 -18.21 -39.90 17.35
N TYR D 137 -19.05 -39.58 16.38
CA TYR D 137 -20.34 -40.27 16.22
C TYR D 137 -19.97 -41.75 16.05
N GLY D 138 -20.60 -42.62 16.85
CA GLY D 138 -20.23 -44.02 16.97
C GLY D 138 -19.86 -44.66 15.63
N CYS D 139 -20.81 -44.70 14.71
CA CYS D 139 -20.62 -45.39 13.46
C CYS D 139 -19.43 -44.91 12.64
N ILE D 140 -19.20 -43.59 12.64
CA ILE D 140 -18.10 -43.04 11.88
C ILE D 140 -16.77 -43.23 12.61
N ARG D 141 -16.83 -43.09 13.94
CA ARG D 141 -15.65 -43.15 14.77
C ARG D 141 -14.95 -44.49 14.57
N ASP D 142 -15.75 -45.55 14.61
CA ASP D 142 -15.32 -46.96 14.50
C ASP D 142 -14.78 -47.27 13.13
N HIS D 143 -15.46 -46.73 12.12
CA HIS D 143 -15.10 -47.00 10.75
C HIS D 143 -13.81 -46.26 10.40
N LEU D 144 -13.70 -45.03 10.87
CA LEU D 144 -12.47 -44.28 10.65
C LEU D 144 -11.29 -45.05 11.20
N ARG D 145 -11.42 -45.50 12.45
CA ARG D 145 -10.35 -46.22 13.11
C ARG D 145 -9.99 -47.51 12.38
N GLN D 146 -11.01 -48.26 11.96
CA GLN D 146 -10.80 -49.50 11.23
C GLN D 146 -10.12 -49.31 9.88
N THR D 147 -10.52 -48.26 9.16
CA THR D 147 -9.99 -47.98 7.83
C THR D 147 -8.50 -47.60 7.89
N LEU D 148 -8.15 -46.76 8.85
CA LEU D 148 -6.81 -46.30 9.11
C LEU D 148 -5.92 -47.47 9.54
N LEU D 149 -6.40 -48.29 10.46
CA LEU D 149 -5.58 -49.38 10.97
C LEU D 149 -5.47 -50.48 9.93
N ASP D 150 -6.56 -50.75 9.22
CA ASP D 150 -6.53 -51.84 8.26
C ASP D 150 -5.63 -51.51 7.11
N MSE D 151 -5.65 -50.29 6.64
CA MSE D 151 -4.78 -50.04 5.53
C MSE D 151 -3.34 -50.00 5.99
O MSE D 151 -2.44 -50.40 5.25
CB MSE D 151 -5.21 -48.81 4.74
CG MSE D 151 -5.07 -47.53 5.46
SE MSE D 151 -5.79 -46.17 4.26
CE MSE D 151 -7.68 -46.49 4.55
N ILE D 152 -3.11 -49.57 7.23
CA ILE D 152 -1.78 -49.74 7.78
C ILE D 152 -1.36 -51.21 7.86
N ALA D 153 -2.28 -52.06 8.33
CA ALA D 153 -2.01 -53.50 8.34
C ALA D 153 -1.66 -54.02 6.94
N ARG D 154 -2.38 -53.55 5.92
CA ARG D 154 -2.15 -54.01 4.56
C ARG D 154 -0.77 -53.57 4.02
N GLU D 155 -0.37 -52.35 4.35
CA GLU D 155 0.93 -51.83 3.91
C GLU D 155 2.05 -52.69 4.48
N ARG D 156 1.90 -53.06 5.75
CA ARG D 156 2.82 -54.00 6.43
C ARG D 156 2.88 -55.38 5.77
N LYS D 157 1.76 -55.84 5.18
CA LYS D 157 1.71 -57.14 4.48
C LYS D 157 2.23 -57.01 3.05
N GLY D 158 2.74 -55.83 2.71
CA GLY D 158 3.38 -55.61 1.42
C GLY D 158 2.69 -54.62 0.50
N GLU D 159 1.41 -54.37 0.70
CA GLU D 159 0.62 -53.55 -0.21
C GLU D 159 1.01 -52.07 -0.23
N VAL D 160 0.47 -51.37 -1.22
CA VAL D 160 0.57 -49.92 -1.34
C VAL D 160 -0.78 -49.30 -0.98
N VAL D 161 -0.76 -48.29 -0.11
CA VAL D 161 -1.99 -47.64 0.33
C VAL D 161 -1.82 -46.13 0.19
N ASP D 162 -2.92 -45.39 0.18
CA ASP D 162 -2.81 -43.93 0.05
C ASP D 162 -2.35 -43.31 1.36
N ARG D 163 -1.05 -43.07 1.46
CA ARG D 163 -0.52 -42.45 2.66
C ARG D 163 -1.12 -41.06 2.79
N GLY D 164 -1.28 -40.37 1.67
CA GLY D 164 -1.89 -39.05 1.69
C GLY D 164 -3.11 -38.95 2.61
N ALA D 165 -4.08 -39.84 2.45
CA ALA D 165 -5.32 -39.79 3.22
C ALA D 165 -5.11 -40.06 4.72
N ILE D 166 -4.19 -40.96 5.04
CA ILE D 166 -3.82 -41.22 6.42
C ILE D 166 -3.24 -39.97 7.07
N ARG D 167 -2.47 -39.20 6.29
CA ARG D 167 -1.87 -37.98 6.81
C ARG D 167 -2.92 -36.93 7.09
N ASN D 168 -3.86 -36.75 6.16
CA ASN D 168 -4.93 -35.76 6.31
C ASN D 168 -5.81 -36.07 7.53
N ALA D 169 -6.21 -37.34 7.63
CA ALA D 169 -7.05 -37.84 8.72
C ALA D 169 -6.40 -37.69 10.10
N CYS D 170 -5.09 -37.88 10.18
CA CYS D 170 -4.38 -37.77 11.46
C CYS D 170 -4.34 -36.33 11.92
N GLN D 171 -4.11 -35.45 10.97
CA GLN D 171 -3.99 -34.04 11.27
C GLN D 171 -5.33 -33.41 11.63
N MSE D 172 -6.41 -33.89 11.05
CA MSE D 172 -7.71 -33.48 11.53
C MSE D 172 -7.92 -33.83 13.04
O MSE D 172 -8.19 -32.95 13.88
CB MSE D 172 -8.79 -34.10 10.65
CG MSE D 172 -10.14 -34.06 11.32
SE MSE D 172 -11.39 -35.14 10.33
CE MSE D 172 -11.03 -36.92 11.10
N LEU D 173 -7.76 -35.13 13.38
CA LEU D 173 -7.71 -35.61 14.77
C LEU D 173 -6.90 -34.72 15.72
N MSE D 174 -5.67 -34.40 15.32
CA MSE D 174 -4.87 -33.40 16.01
C MSE D 174 -5.57 -32.07 16.22
O MSE D 174 -5.52 -31.50 17.32
CB MSE D 174 -3.59 -33.10 15.22
CG MSE D 174 -2.55 -34.19 15.26
SE MSE D 174 -2.06 -34.56 17.15
CE MSE D 174 -0.64 -33.30 17.49
N ILE D 175 -6.20 -31.54 15.18
CA ILE D 175 -6.71 -30.19 15.29
C ILE D 175 -7.89 -30.24 16.24
N LEU D 176 -8.62 -31.35 16.17
CA LEU D 176 -9.80 -31.54 16.99
C LEU D 176 -9.50 -31.72 18.51
N GLY D 177 -8.20 -31.72 18.83
CA GLY D 177 -7.72 -31.81 20.20
C GLY D 177 -7.55 -30.45 20.85
N LEU D 178 -7.87 -29.40 20.09
CA LEU D 178 -7.79 -28.03 20.60
C LEU D 178 -6.44 -27.58 21.16
N GLU D 179 -5.37 -27.74 20.39
CA GLU D 179 -4.05 -27.30 20.85
C GLU D 179 -3.41 -28.37 21.72
N GLY D 180 -4.00 -29.55 21.67
CA GLY D 180 -3.61 -30.70 22.44
C GLY D 180 -3.82 -31.89 21.54
N ARG D 181 -3.33 -33.06 21.97
CA ARG D 181 -3.37 -34.25 21.12
C ARG D 181 -4.33 -35.32 21.64
N SER D 182 -5.19 -34.97 22.57
CA SER D 182 -6.07 -35.97 23.22
C SER D 182 -6.86 -36.83 22.23
N VAL D 183 -7.45 -36.20 21.23
CA VAL D 183 -8.30 -36.89 20.28
C VAL D 183 -7.51 -37.83 19.37
N TYR D 184 -6.36 -37.39 18.89
CA TYR D 184 -5.55 -38.22 18.02
C TYR D 184 -5.04 -39.40 18.87
N GLU D 185 -4.68 -39.09 20.11
CA GLU D 185 -4.13 -40.08 21.06
C GLU D 185 -5.18 -41.14 21.47
N GLU D 186 -6.43 -40.76 21.72
CA GLU D 186 -7.48 -41.73 22.11
C GLU D 186 -8.12 -42.47 20.93
N ASP D 187 -8.38 -41.73 19.86
CA ASP D 187 -8.95 -42.24 18.60
C ASP D 187 -8.06 -43.10 17.68
N PHE D 188 -6.80 -42.68 17.51
CA PHE D 188 -5.86 -43.37 16.60
C PHE D 188 -4.67 -44.06 17.31
N GLU D 189 -3.86 -43.29 18.03
CA GLU D 189 -2.53 -43.74 18.51
C GLU D 189 -2.61 -44.92 19.44
N ALA D 190 -3.58 -44.87 20.36
CA ALA D 190 -3.81 -45.95 21.32
C ALA D 190 -4.23 -47.28 20.70
N PRO D 191 -5.19 -47.26 19.77
CA PRO D 191 -5.52 -48.52 19.07
C PRO D 191 -4.38 -48.97 18.15
N PHE D 192 -3.63 -48.01 17.60
CA PHE D 192 -2.48 -48.26 16.72
C PHE D 192 -1.36 -48.98 17.47
N LEU D 193 -1.03 -48.48 18.67
CA LEU D 193 0.01 -49.13 19.50
C LEU D 193 -0.45 -50.50 19.95
N GLU D 194 -1.76 -50.65 20.16
CA GLU D 194 -2.32 -51.93 20.64
C GLU D 194 -2.18 -52.92 19.50
N MSE D 195 -2.52 -52.52 18.27
CA MSE D 195 -2.46 -53.51 17.18
C MSE D 195 -1.04 -53.76 16.66
O MSE D 195 -0.81 -54.78 16.03
CB MSE D 195 -3.41 -53.18 16.03
CG MSE D 195 -3.01 -51.97 15.19
SE MSE D 195 -3.50 -52.14 13.33
CE MSE D 195 -1.71 -52.04 12.63
N SER D 196 -0.10 -52.85 16.92
CA SER D 196 1.26 -53.02 16.37
C SER D 196 1.97 -54.01 17.24
N ALA D 197 1.60 -53.98 18.52
CA ALA D 197 2.14 -54.90 19.50
C ALA D 197 1.75 -56.33 19.12
N GLU D 198 0.48 -56.52 18.77
CA GLU D 198 -0.02 -57.88 18.49
C GLU D 198 0.59 -58.36 17.19
N PHE D 199 0.80 -57.43 16.27
CA PHE D 199 1.40 -57.76 14.96
C PHE D 199 2.90 -58.14 15.09
N PHE D 200 3.68 -57.34 15.81
CA PHE D 200 5.10 -57.65 15.89
C PHE D 200 5.36 -58.83 16.80
N GLN D 201 4.40 -59.11 17.68
CA GLN D 201 4.40 -60.38 18.41
C GLN D 201 4.30 -61.61 17.49
N MSE D 202 3.33 -61.61 16.56
CA MSE D 202 3.14 -62.72 15.63
C MSE D 202 4.30 -62.80 14.66
O MSE D 202 4.72 -63.88 14.24
CB MSE D 202 1.83 -62.60 14.81
CG MSE D 202 0.54 -62.64 15.62
SE MSE D 202 -1.05 -62.87 14.49
CE MSE D 202 -1.96 -61.17 14.81
N GLU D 203 4.80 -61.63 14.29
CA GLU D 203 5.87 -61.48 13.33
C GLU D 203 7.10 -62.19 13.82
N SER D 204 7.63 -61.71 14.93
CA SER D 204 8.82 -62.26 15.58
C SER D 204 8.78 -63.76 15.83
N GLN D 205 7.62 -64.31 16.14
CA GLN D 205 7.49 -65.75 16.33
C GLN D 205 7.54 -66.45 14.98
N LYS D 206 7.06 -65.76 13.96
CA LYS D 206 7.11 -66.32 12.62
C LYS D 206 8.54 -66.23 12.10
N PHE D 207 9.21 -65.13 12.41
CA PHE D 207 10.60 -64.92 12.01
C PHE D 207 11.58 -65.82 12.72
N LEU D 208 11.33 -66.12 13.99
CA LEU D 208 12.18 -67.05 14.75
C LEU D 208 11.99 -68.48 14.26
N ALA D 209 10.85 -68.76 13.64
CA ALA D 209 10.60 -70.06 13.01
C ALA D 209 11.43 -70.24 11.74
N GLU D 210 12.33 -69.29 11.48
CA GLU D 210 13.31 -69.41 10.42
C GLU D 210 14.54 -70.12 10.97
N ASN D 211 14.75 -70.01 12.28
CA ASN D 211 15.96 -70.51 12.94
C ASN D 211 17.25 -69.93 12.31
N SER D 212 17.19 -68.64 11.90
CA SER D 212 18.37 -67.96 11.38
C SER D 212 18.53 -66.55 11.95
N ALA D 213 19.54 -66.38 12.82
CA ALA D 213 19.74 -65.15 13.58
C ALA D 213 19.96 -63.93 12.70
N SER D 214 20.89 -64.04 11.75
CA SER D 214 21.25 -62.91 10.85
C SER D 214 20.10 -62.41 9.97
N VAL D 215 19.30 -63.35 9.46
CA VAL D 215 18.09 -63.00 8.71
C VAL D 215 17.01 -62.38 9.62
N TYR D 216 16.90 -62.90 10.85
CA TYR D 216 16.01 -62.32 11.85
C TYR D 216 16.48 -60.90 12.17
N ILE D 217 17.78 -60.71 12.23
CA ILE D 217 18.31 -59.39 12.57
C ILE D 217 18.05 -58.38 11.45
N LYS D 218 18.30 -58.81 10.21
CA LYS D 218 18.08 -57.94 9.05
C LYS D 218 16.60 -57.63 8.87
N LYS D 219 15.75 -58.61 9.17
CA LYS D 219 14.31 -58.41 8.97
C LYS D 219 13.79 -57.36 9.92
N VAL D 220 14.28 -57.44 11.16
CA VAL D 220 13.90 -56.53 12.25
C VAL D 220 14.33 -55.11 11.98
N GLU D 221 15.61 -54.91 11.62
CA GLU D 221 16.09 -53.59 11.21
C GLU D 221 15.21 -52.98 10.11
N ALA D 222 14.90 -53.78 9.10
CA ALA D 222 14.04 -53.37 8.00
C ALA D 222 12.70 -52.88 8.54
N ARG D 223 12.10 -53.64 9.44
CA ARG D 223 10.83 -53.26 10.03
C ARG D 223 10.94 -51.96 10.83
N ILE D 224 12.01 -51.86 11.62
CA ILE D 224 12.22 -50.69 12.46
C ILE D 224 12.44 -49.40 11.66
N ASN D 225 13.20 -49.49 10.58
CA ASN D 225 13.47 -48.32 9.76
C ASN D 225 12.20 -47.76 9.17
N GLU D 226 11.39 -48.71 8.68
CA GLU D 226 10.06 -48.49 8.13
C GLU D 226 9.00 -48.03 9.14
N GLU D 227 8.89 -48.65 10.32
CA GLU D 227 7.97 -48.04 11.28
C GLU D 227 8.28 -46.56 11.57
N ILE D 228 9.56 -46.18 11.41
CA ILE D 228 10.01 -44.82 11.72
C ILE D 228 9.69 -43.90 10.54
N GLU D 229 9.84 -44.43 9.34
CA GLU D 229 9.59 -43.67 8.13
C GLU D 229 8.09 -43.39 7.99
N ARG D 230 7.26 -44.35 8.39
CA ARG D 230 5.81 -44.16 8.35
C ARG D 230 5.34 -43.06 9.30
N VAL D 231 5.89 -43.05 10.51
CA VAL D 231 5.58 -42.02 11.51
C VAL D 231 6.01 -40.60 11.07
N MSE D 232 7.21 -40.49 10.51
CA MSE D 232 7.80 -39.19 10.18
C MSE D 232 7.20 -38.57 8.92
O MSE D 232 7.35 -37.37 8.67
CB MSE D 232 9.31 -39.35 10.01
CG MSE D 232 10.01 -39.75 11.32
SE MSE D 232 10.68 -38.22 12.33
CE MSE D 232 12.30 -37.84 11.27
N HIS D 233 6.57 -39.40 8.10
CA HIS D 233 5.97 -38.89 6.87
C HIS D 233 4.45 -38.99 6.80
N CYS D 234 3.87 -39.89 7.60
CA CYS D 234 2.41 -40.05 7.58
C CYS D 234 1.73 -39.75 8.91
N LEU D 235 2.14 -40.47 9.95
CA LEU D 235 1.59 -40.30 11.29
C LEU D 235 2.19 -39.09 12.01
N ASP D 236 1.49 -38.58 13.01
CA ASP D 236 2.02 -37.47 13.78
C ASP D 236 3.37 -37.81 14.37
N LYS D 237 4.23 -36.81 14.43
CA LYS D 237 5.62 -37.02 14.76
C LYS D 237 5.81 -37.31 16.23
N SER D 238 4.84 -36.94 17.04
CA SER D 238 4.92 -37.27 18.45
C SER D 238 4.78 -38.81 18.68
N THR D 239 4.20 -39.50 17.70
CA THR D 239 4.04 -40.97 17.74
C THR D 239 5.37 -41.77 17.59
N GLU D 240 6.41 -41.12 17.13
CA GLU D 240 7.72 -41.76 17.02
C GLU D 240 8.13 -42.57 18.25
N GLU D 241 8.27 -41.92 19.39
CA GLU D 241 8.71 -42.61 20.61
C GLU D 241 7.84 -43.81 21.01
N PRO D 242 6.52 -43.62 21.09
CA PRO D 242 5.71 -44.80 21.41
C PRO D 242 5.90 -45.97 20.41
N ILE D 243 6.00 -45.71 19.10
CA ILE D 243 6.06 -46.82 18.13
C ILE D 243 7.43 -47.51 18.15
N VAL D 244 8.50 -46.72 18.26
CA VAL D 244 9.80 -47.30 18.42
C VAL D 244 9.81 -48.17 19.65
N LYS D 245 9.24 -47.67 20.75
CA LYS D 245 9.30 -48.41 21.99
C LYS D 245 8.56 -49.74 21.84
N VAL D 246 7.44 -49.72 21.11
CA VAL D 246 6.64 -50.93 20.87
C VAL D 246 7.36 -51.97 20.02
N VAL D 247 7.99 -51.55 18.92
CA VAL D 247 8.66 -52.54 18.09
C VAL D 247 9.98 -53.03 18.66
N GLU D 248 10.71 -52.20 19.39
CA GLU D 248 11.96 -52.67 20.02
C GLU D 248 11.68 -53.70 21.13
N ARG D 249 10.56 -53.57 21.82
CA ARG D 249 10.27 -54.52 22.88
C ARG D 249 9.89 -55.88 22.29
N GLU D 250 9.16 -55.84 21.18
CA GLU D 250 8.62 -57.05 20.60
C GLU D 250 9.60 -57.77 19.65
N LEU D 251 10.49 -57.02 19.01
CA LEU D 251 11.47 -57.63 18.13
C LEU D 251 12.81 -57.95 18.79
N ILE D 252 13.20 -57.15 19.78
CA ILE D 252 14.52 -57.34 20.38
C ILE D 252 14.58 -57.73 21.86
N SER D 253 13.94 -56.94 22.72
CA SER D 253 14.02 -57.14 24.16
C SER D 253 13.48 -58.48 24.65
N LYS D 254 12.36 -58.88 24.08
CA LYS D 254 11.67 -60.10 24.51
C LYS D 254 12.40 -61.37 24.10
N HIS D 255 13.34 -61.24 23.15
CA HIS D 255 13.98 -62.37 22.51
C HIS D 255 15.49 -62.28 22.42
N MSE D 256 16.11 -61.39 23.17
CA MSE D 256 17.56 -61.24 23.09
C MSE D 256 18.30 -62.50 23.47
O MSE D 256 19.17 -62.92 22.71
CB MSE D 256 18.02 -60.18 24.06
CG MSE D 256 17.48 -58.83 23.83
SE MSE D 256 17.78 -57.83 25.51
CE MSE D 256 19.00 -58.98 26.45
N LYS D 257 17.99 -63.08 24.63
CA LYS D 257 18.59 -64.35 25.05
C LYS D 257 18.41 -65.41 24.00
N THR D 258 17.20 -65.50 23.46
CA THR D 258 16.92 -66.43 22.36
C THR D 258 17.80 -66.15 21.13
N ILE D 259 18.09 -64.90 20.82
CA ILE D 259 18.86 -64.54 19.64
C ILE D 259 20.30 -64.96 19.82
N VAL D 260 20.92 -64.51 20.90
CA VAL D 260 22.33 -64.74 21.10
C VAL D 260 22.64 -66.17 21.46
N GLU D 261 21.62 -66.94 21.82
CA GLU D 261 21.84 -68.34 22.19
C GLU D 261 21.34 -69.37 21.18
N MSE D 262 20.74 -68.94 20.08
CA MSE D 262 20.19 -69.91 19.12
C MSE D 262 21.24 -70.74 18.40
O MSE D 262 22.31 -70.25 18.03
CB MSE D 262 19.19 -69.26 18.17
CG MSE D 262 19.76 -68.28 17.18
SE MSE D 262 18.35 -67.64 16.00
CE MSE D 262 17.25 -66.71 17.31
N GLU D 263 20.93 -72.03 18.24
CA GLU D 263 21.88 -73.01 17.75
C GLU D 263 22.19 -72.94 16.26
N ASN D 264 23.48 -72.81 15.96
CA ASN D 264 23.99 -72.79 14.60
C ASN D 264 23.86 -71.42 13.97
N SER D 265 23.17 -70.52 14.68
CA SER D 265 23.02 -69.14 14.24
C SER D 265 23.43 -68.15 15.32
N GLY D 266 23.72 -68.65 16.50
CA GLY D 266 24.01 -67.81 17.64
C GLY D 266 25.36 -67.13 17.72
N LEU D 267 25.49 -66.17 18.61
CA LEU D 267 26.70 -65.38 18.66
C LEU D 267 27.91 -66.31 18.67
N VAL D 268 27.81 -67.46 19.32
CA VAL D 268 28.91 -68.42 19.28
C VAL D 268 29.20 -68.93 17.86
N HIS D 269 28.15 -69.23 17.10
CA HIS D 269 28.30 -69.68 15.69
C HIS D 269 29.01 -68.64 14.83
N MSE D 270 28.78 -67.36 15.15
CA MSE D 270 29.35 -66.28 14.38
C MSE D 270 30.77 -66.03 14.79
O MSE D 270 31.65 -65.82 13.94
CB MSE D 270 28.53 -65.02 14.55
CG MSE D 270 27.14 -65.11 13.98
SE MSE D 270 26.23 -63.46 14.45
CE MSE D 270 24.35 -63.98 14.18
N LEU D 271 31.02 -66.04 16.11
CA LEU D 271 32.37 -65.97 16.64
C LEU D 271 33.31 -67.06 16.10
N LYS D 272 32.88 -68.32 16.21
CA LYS D 272 33.73 -69.41 15.75
C LYS D 272 33.95 -69.32 14.24
N ASN D 273 32.88 -69.03 13.53
CA ASN D 273 32.93 -68.83 12.09
C ASN D 273 33.72 -67.57 11.76
N GLY D 274 33.70 -66.62 12.69
CA GLY D 274 34.35 -65.34 12.48
C GLY D 274 33.39 -64.40 11.78
N LYS D 275 32.11 -64.74 11.69
CA LYS D 275 31.24 -63.86 10.94
C LYS D 275 31.37 -62.48 11.56
N THR D 276 31.63 -61.49 10.71
CA THR D 276 31.81 -60.11 11.18
C THR D 276 30.69 -59.17 10.76
N GLU D 277 30.25 -59.31 9.52
CA GLU D 277 29.19 -58.46 9.00
C GLU D 277 27.95 -58.75 9.83
N ASP D 278 27.75 -60.03 10.14
CA ASP D 278 26.64 -60.44 11.00
C ASP D 278 26.79 -59.99 12.45
N LEU D 279 28.03 -59.96 12.92
CA LEU D 279 28.29 -59.58 14.31
C LEU D 279 28.09 -58.08 14.53
N GLY D 280 28.37 -57.27 13.50
CA GLY D 280 28.09 -55.85 13.56
C GLY D 280 26.61 -55.49 13.53
N CYS D 281 25.83 -56.17 12.68
CA CYS D 281 24.38 -55.93 12.58
C CYS D 281 23.65 -56.27 13.87
N MSE D 282 24.27 -57.15 14.66
CA MSE D 282 23.70 -57.58 15.94
C MSE D 282 24.04 -56.61 17.06
O MSE D 282 23.21 -56.40 17.96
CB MSE D 282 24.25 -58.95 16.28
CG MSE D 282 23.62 -59.51 17.51
SE MSE D 282 23.89 -61.41 17.55
CE MSE D 282 24.55 -61.47 19.34
N TYR D 283 25.24 -56.03 17.01
CA TYR D 283 25.58 -54.93 17.89
C TYR D 283 24.65 -53.73 17.66
N LYS D 284 24.37 -53.40 16.40
CA LYS D 284 23.56 -52.21 16.11
C LYS D 284 22.09 -52.36 16.57
N LEU D 285 21.65 -53.60 16.64
CA LEU D 285 20.28 -53.90 17.02
C LEU D 285 20.19 -54.00 18.54
N PHE D 286 21.06 -54.79 19.14
CA PHE D 286 21.02 -54.95 20.58
C PHE D 286 21.46 -53.72 21.35
N SER D 287 22.14 -52.80 20.67
CA SER D 287 22.54 -51.58 21.36
C SER D 287 21.37 -50.59 21.43
N ARG D 288 20.28 -50.92 20.75
CA ARG D 288 19.02 -50.19 20.91
C ARG D 288 18.37 -50.41 22.28
N VAL D 289 18.39 -51.67 22.74
CA VAL D 289 17.74 -52.12 23.98
C VAL D 289 18.45 -51.92 25.35
N PRO D 290 17.65 -51.97 26.42
CA PRO D 290 18.16 -51.76 27.79
C PRO D 290 19.18 -52.79 28.32
N ASN D 291 18.98 -54.09 28.14
CA ASN D 291 19.99 -55.06 28.57
C ASN D 291 20.65 -55.74 27.38
N GLY D 292 20.63 -55.07 26.23
CA GLY D 292 20.90 -55.73 24.96
C GLY D 292 22.35 -56.09 24.71
N LEU D 293 23.26 -55.17 25.03
CA LEU D 293 24.69 -55.43 24.87
C LEU D 293 25.17 -56.24 26.05
N LYS D 294 24.53 -56.05 27.18
CA LYS D 294 24.96 -56.67 28.43
C LYS D 294 24.83 -58.19 28.32
N THR D 295 23.77 -58.62 27.64
CA THR D 295 23.50 -60.04 27.32
C THR D 295 24.48 -60.66 26.31
N MSE D 296 24.76 -59.94 25.23
CA MSE D 296 25.77 -60.38 24.24
C MSE D 296 27.11 -60.64 24.93
O MSE D 296 27.82 -61.57 24.58
CB MSE D 296 25.98 -59.32 23.17
CG MSE D 296 24.95 -59.31 22.05
SE MSE D 296 25.43 -57.99 20.67
CE MSE D 296 27.00 -58.89 19.92
N CYS D 297 27.46 -59.79 25.90
CA CYS D 297 28.71 -59.92 26.63
C CYS D 297 28.70 -61.12 27.55
N GLU D 298 27.52 -61.51 28.04
CA GLU D 298 27.40 -62.68 28.90
C GLU D 298 27.61 -63.99 28.13
N CYS D 299 26.97 -64.11 26.97
CA CYS D 299 27.08 -65.30 26.12
C CYS D 299 28.47 -65.44 25.50
N MSE D 300 29.07 -64.31 25.17
CA MSE D 300 30.40 -64.28 24.58
C MSE D 300 31.45 -64.66 25.61
O MSE D 300 32.38 -65.40 25.30
CB MSE D 300 30.68 -62.89 23.99
CG MSE D 300 32.02 -62.81 23.26
SE MSE D 300 32.87 -61.09 23.60
CE MSE D 300 32.07 -60.00 22.18
N SER D 301 31.29 -64.15 26.83
CA SER D 301 32.07 -64.61 28.00
C SER D 301 32.14 -66.13 28.05
N SER D 302 31.00 -66.80 27.94
CA SER D 302 30.93 -68.26 28.07
C SER D 302 31.68 -69.03 26.99
N TYR D 303 31.89 -68.42 25.83
CA TYR D 303 32.65 -69.07 24.78
C TYR D 303 34.13 -68.82 25.01
N LEU D 304 34.46 -67.61 25.42
CA LEU D 304 35.84 -67.28 25.76
C LEU D 304 36.30 -68.08 26.97
N ARG D 305 35.36 -68.44 27.83
CA ARG D 305 35.62 -69.30 28.99
C ARG D 305 36.32 -70.60 28.60
N GLU D 306 35.76 -71.30 27.61
CA GLU D 306 36.34 -72.55 27.13
C GLU D 306 37.77 -72.34 26.63
N GLN D 307 37.92 -71.45 25.66
CA GLN D 307 39.22 -71.16 25.08
C GLN D 307 39.94 -70.07 25.87
#